data_4RNR
#
_entry.id   4RNR
#
_cell.length_a   67.021
_cell.length_b   69.052
_cell.length_c   272.236
_cell.angle_alpha   90.00
_cell.angle_beta   90.00
_cell.angle_gamma   90.00
#
_symmetry.space_group_name_H-M   'P 21 21 21'
#
loop_
_entity.id
_entity.type
_entity.pdbx_description
1 polymer 'PGT130 Heavy Chain'
2 polymer 'PGT130 Light Chain'
3 non-polymer 2-acetamido-2-deoxy-beta-D-glucopyranose
#
loop_
_entity_poly.entity_id
_entity_poly.type
_entity_poly.pdbx_seq_one_letter_code
_entity_poly.pdbx_strand_id
1 'polypeptide(L)'
;QVQLQESGPGLVKPAETLSLTCSVSGESINTGHYYWGWVRQVPGKGLEWIGHIHYTTAVLHNPSLKSRLTIKIYTLRNQI
TLRLSNVTAADTAVYHCVRSGGDILYYYEWQKPHWFSPWGPGIHVTVSSASTKGPSVFPLAPSSKSTSGGTAALGCLVKD
YFPEPVTVSWNSGALTSGVHTFPAVLQSSGLYSLSSVVTVPSSSLGTQTYICNVNHKPSNTKVDKRVEPKSCD
;
A,C
2 'polypeptide(L)'
;QSALTQPPSASGSLGQSVTISCNGTSSDIGGWNFVSWYQQFPGRAPRLIIFEVNKRPSGVPGRFSGSKSGNSASLTVSGL
QSDDEGQYFCSSLFGRWDVVFGGGTKLTVLGQPKAAPSVTLFPPSSEELQANKATLVCLISDFYPGAVTVAWKADSSPVK
AGVETTTPSKQSNNKYAASSYLSLTPEQWKSHRSYSCQVTHEGSTVEKTVAPTECS
;
B,D
#
loop_
_chem_comp.id
_chem_comp.type
_chem_comp.name
_chem_comp.formula
NAG D-saccharide, beta linking 2-acetamido-2-deoxy-beta-D-glucopyranose 'C8 H15 N O6'
#
# COMPACT_ATOMS: atom_id res chain seq x y z
N VAL A 2 -32.21 16.01 7.40
CA VAL A 2 -31.29 16.97 8.00
C VAL A 2 -30.38 16.30 9.01
N GLN A 3 -30.96 15.54 9.94
CA GLN A 3 -30.18 14.76 10.88
C GLN A 3 -30.70 13.34 11.01
N LEU A 4 -29.80 12.40 11.27
CA LEU A 4 -30.10 10.97 11.30
C LEU A 4 -29.63 10.36 12.61
N GLN A 5 -30.37 9.39 13.13
CA GLN A 5 -29.94 8.65 14.32
C GLN A 5 -30.11 7.13 14.19
N GLU A 6 -29.08 6.39 14.59
CA GLU A 6 -29.12 4.92 14.59
C GLU A 6 -29.32 4.34 15.99
N SER A 7 -30.14 3.28 16.07
CA SER A 7 -30.39 2.61 17.34
C SER A 7 -30.45 1.09 17.18
N GLY A 8 -30.23 0.38 18.29
CA GLY A 8 -30.23 -1.08 18.28
C GLY A 8 -29.13 -1.67 19.14
N PRO A 9 -29.14 -3.01 19.29
CA PRO A 9 -28.17 -3.71 20.14
C PRO A 9 -26.73 -3.54 19.65
N GLY A 10 -25.80 -3.35 20.58
CA GLY A 10 -24.40 -3.19 20.24
C GLY A 10 -23.64 -4.51 20.18
N LEU A 11 -24.24 -5.56 20.73
CA LEU A 11 -23.63 -6.88 20.68
C LEU A 11 -24.61 -7.89 20.09
N VAL A 12 -24.11 -8.73 19.18
CA VAL A 12 -24.88 -9.86 18.67
C VAL A 12 -24.05 -11.14 18.71
N LYS A 13 -24.65 -12.21 19.20
CA LYS A 13 -24.02 -13.52 19.20
C LYS A 13 -24.00 -14.11 17.78
N PRO A 14 -22.95 -14.89 17.46
CA PRO A 14 -22.81 -15.49 16.13
C PRO A 14 -23.97 -16.42 15.77
N ALA A 15 -24.38 -16.37 14.50
CA ALA A 15 -25.47 -17.15 13.92
C ALA A 15 -26.85 -16.59 14.31
N GLU A 16 -26.85 -15.43 14.96
CA GLU A 16 -28.10 -14.77 15.36
C GLU A 16 -28.32 -13.56 14.47
N THR A 17 -29.54 -13.03 14.44
CA THR A 17 -29.90 -11.97 13.49
C THR A 17 -29.77 -10.56 14.08
N LEU A 18 -29.17 -9.67 13.30
CA LEU A 18 -28.90 -8.29 13.72
C LEU A 18 -30.02 -7.33 13.30
N SER A 19 -30.61 -6.64 14.29
CA SER A 19 -31.69 -5.70 14.00
C SER A 19 -31.34 -4.28 14.46
N LEU A 20 -31.46 -3.34 13.53
CA LEU A 20 -31.13 -1.93 13.78
C LEU A 20 -32.23 -1.00 13.26
N THR A 21 -32.39 0.15 13.90
CA THR A 21 -33.42 1.12 13.51
C THR A 21 -32.84 2.51 13.32
N CYS A 22 -33.38 3.25 12.34
CA CYS A 22 -32.95 4.62 12.09
C CYS A 22 -34.11 5.61 12.17
N SER A 23 -33.93 6.69 12.92
CA SER A 23 -34.94 7.74 12.99
C SER A 23 -34.43 9.04 12.36
N VAL A 24 -35.23 9.58 11.44
CA VAL A 24 -34.84 10.78 10.69
C VAL A 24 -35.56 12.02 11.20
N SER A 25 -34.82 13.13 11.34
CA SER A 25 -35.39 14.38 11.77
C SER A 25 -35.00 15.50 10.81
N GLY A 26 -35.89 16.48 10.65
CA GLY A 26 -35.60 17.63 9.80
C GLY A 26 -36.07 17.42 8.38
N GLU A 27 -36.48 16.19 8.05
CA GLU A 27 -36.99 15.88 6.73
C GLU A 27 -38.18 14.93 6.85
N SER A 28 -39.06 14.96 5.85
CA SER A 28 -40.31 14.19 5.89
C SER A 28 -40.17 12.67 5.87
N ILE A 29 -39.25 12.17 5.03
CA ILE A 29 -39.05 10.80 4.50
C ILE A 29 -39.96 10.69 3.28
N ASN A 30 -40.55 11.83 2.92
CA ASN A 30 -41.45 11.93 1.78
C ASN A 30 -41.00 13.08 0.89
N THR A 31 -40.39 12.78 -0.25
CA THR A 31 -39.96 13.82 -1.18
C THR A 31 -39.54 13.20 -2.52
N GLY A 32 -39.53 14.01 -3.57
CA GLY A 32 -39.19 13.59 -4.92
C GLY A 32 -37.77 13.98 -5.30
N HIS A 33 -36.87 13.00 -5.42
CA HIS A 33 -37.05 11.69 -4.79
C HIS A 33 -35.81 11.36 -3.99
N TYR A 34 -36.00 10.97 -2.73
CA TYR A 34 -34.87 10.56 -1.89
C TYR A 34 -35.00 9.13 -1.39
N TYR A 35 -34.05 8.28 -1.74
CA TYR A 35 -34.00 6.96 -1.14
C TYR A 35 -33.28 7.08 0.19
N TRP A 36 -33.62 6.21 1.14
CA TRP A 36 -33.01 6.28 2.46
C TRP A 36 -32.38 4.92 2.75
N GLY A 37 -31.31 4.88 3.56
CA GLY A 37 -30.40 3.75 3.48
C GLY A 37 -29.41 3.44 4.58
N TRP A 38 -28.74 2.30 4.41
CA TRP A 38 -27.68 1.85 5.31
C TRP A 38 -26.35 1.55 4.63
N VAL A 39 -25.28 2.09 5.19
CA VAL A 39 -23.91 1.79 4.75
C VAL A 39 -23.10 1.45 6.00
N ARG A 40 -22.05 0.63 5.86
CA ARG A 40 -21.30 0.19 7.02
C ARG A 40 -19.80 0.24 6.78
N GLN A 41 -19.05 0.30 7.88
CA GLN A 41 -17.58 0.35 7.86
C GLN A 41 -17.02 -0.74 8.75
N VAL A 42 -16.00 -1.44 8.27
CA VAL A 42 -15.50 -2.62 8.95
C VAL A 42 -14.05 -2.40 9.34
N PRO A 43 -13.62 -2.94 10.49
CA PRO A 43 -12.20 -2.86 10.86
C PRO A 43 -11.30 -3.68 9.94
N GLY A 44 -10.20 -3.09 9.51
CA GLY A 44 -9.33 -3.71 8.54
C GLY A 44 -9.77 -3.55 7.09
N LYS A 45 -10.76 -2.70 6.85
CA LYS A 45 -11.26 -2.50 5.49
C LYS A 45 -12.03 -1.18 5.40
N GLY A 46 -12.34 -0.76 4.17
CA GLY A 46 -13.17 0.41 3.94
C GLY A 46 -14.66 0.13 3.95
N LEU A 47 -15.42 1.07 3.41
CA LEU A 47 -16.88 1.08 3.51
C LEU A 47 -17.53 0.00 2.65
N GLU A 48 -18.64 -0.56 3.12
CA GLU A 48 -19.43 -1.49 2.34
C GLU A 48 -20.91 -1.12 2.36
N TRP A 49 -21.45 -0.85 1.18
CA TRP A 49 -22.84 -0.46 1.01
C TRP A 49 -23.78 -1.65 1.20
N ILE A 50 -24.51 -1.66 2.31
CA ILE A 50 -25.58 -2.63 2.55
C ILE A 50 -26.80 -2.43 1.63
N GLY A 51 -27.12 -1.17 1.33
CA GLY A 51 -28.26 -0.84 0.50
C GLY A 51 -29.31 0.08 1.08
N HIS A 52 -30.19 0.57 0.21
CA HIS A 52 -31.19 1.57 0.59
C HIS A 52 -32.59 1.23 0.07
N ILE A 53 -33.61 1.76 0.74
CA ILE A 53 -34.99 1.49 0.39
C ILE A 53 -35.77 2.80 0.35
N HIS A 54 -36.77 2.90 -0.53
CA HIS A 54 -37.65 4.05 -0.52
C HIS A 54 -39.07 3.56 -0.78
N TYR A 55 -40.08 4.35 -0.43
CA TYR A 55 -41.47 3.90 -0.62
C TYR A 55 -41.83 3.84 -2.11
N THR A 56 -42.83 3.04 -2.49
CA THR A 56 -43.56 2.14 -1.59
C THR A 56 -42.71 0.97 -1.08
N THR A 57 -42.02 0.29 -1.99
CA THR A 57 -41.11 -0.77 -1.61
C THR A 57 -40.14 -0.91 -2.77
N ALA A 58 -39.32 0.12 -2.95
CA ALA A 58 -38.25 0.04 -3.93
C ALA A 58 -37.00 -0.12 -3.11
N VAL A 59 -36.23 -1.15 -3.42
CA VAL A 59 -35.09 -1.50 -2.58
C VAL A 59 -33.88 -1.83 -3.44
N LEU A 60 -32.70 -1.67 -2.85
CA LEU A 60 -31.46 -2.10 -3.47
C LEU A 60 -30.68 -2.88 -2.43
N HIS A 61 -30.08 -3.99 -2.85
CA HIS A 61 -29.35 -4.86 -1.94
C HIS A 61 -27.98 -5.19 -2.50
N ASN A 62 -27.03 -5.41 -1.60
CA ASN A 62 -25.67 -5.71 -2.01
C ASN A 62 -25.58 -7.22 -2.21
N PRO A 63 -24.95 -7.66 -3.30
CA PRO A 63 -24.81 -9.09 -3.58
C PRO A 63 -24.04 -9.79 -2.48
N SER A 64 -24.33 -11.08 -2.26
CA SER A 64 -23.86 -11.85 -1.10
C SER A 64 -24.63 -11.45 0.16
N LEU A 65 -24.64 -10.15 0.44
CA LEU A 65 -25.41 -9.61 1.56
C LEU A 65 -26.91 -9.82 1.35
N LYS A 66 -27.35 -9.70 0.10
CA LYS A 66 -28.78 -9.69 -0.24
C LYS A 66 -29.55 -10.88 0.32
N SER A 67 -28.93 -12.05 0.29
CA SER A 67 -29.59 -13.28 0.74
C SER A 67 -29.97 -13.26 2.23
N ARG A 68 -29.03 -12.88 3.08
CA ARG A 68 -29.29 -12.71 4.51
C ARG A 68 -30.17 -11.50 4.81
N LEU A 69 -29.97 -10.42 4.06
CA LEU A 69 -30.40 -9.09 4.47
C LEU A 69 -31.87 -8.77 4.18
N THR A 70 -32.55 -8.25 5.20
CA THR A 70 -33.91 -7.74 5.06
C THR A 70 -33.94 -6.27 5.42
N ILE A 71 -34.69 -5.47 4.65
CA ILE A 71 -34.83 -4.05 4.95
C ILE A 71 -36.27 -3.56 4.73
N LYS A 72 -36.83 -2.88 5.73
CA LYS A 72 -38.18 -2.36 5.61
C LYS A 72 -38.24 -0.88 5.97
N ILE A 73 -39.16 -0.15 5.34
CA ILE A 73 -39.34 1.28 5.63
C ILE A 73 -40.71 1.60 6.21
N TYR A 74 -40.71 2.27 7.36
CA TYR A 74 -41.93 2.79 7.93
C TYR A 74 -41.93 4.30 7.77
N THR A 75 -42.87 4.79 6.96
CA THR A 75 -42.91 6.19 6.58
C THR A 75 -43.63 6.96 7.66
N LEU A 76 -44.63 6.31 8.23
CA LEU A 76 -45.52 6.90 9.22
C LEU A 76 -44.76 7.33 10.48
N ARG A 77 -43.96 6.40 11.02
CA ARG A 77 -43.12 6.68 12.17
C ARG A 77 -41.96 7.64 11.90
N ASN A 78 -41.49 7.63 10.64
CA ASN A 78 -40.18 8.15 10.21
C ASN A 78 -39.02 7.23 10.54
N GLN A 79 -39.30 5.93 10.62
CA GLN A 79 -38.27 4.97 11.03
C GLN A 79 -37.98 3.96 9.92
N ILE A 80 -36.72 3.58 9.79
CA ILE A 80 -36.32 2.51 8.88
C ILE A 80 -35.60 1.42 9.66
N THR A 81 -35.74 0.18 9.22
CA THR A 81 -35.16 -0.95 9.93
C THR A 81 -34.31 -1.84 9.03
N LEU A 82 -33.21 -2.31 9.60
CA LEU A 82 -32.30 -3.20 8.90
C LEU A 82 -32.23 -4.50 9.67
N ARG A 83 -32.33 -5.61 8.94
CA ARG A 83 -32.16 -6.91 9.52
C ARG A 83 -31.11 -7.67 8.74
N LEU A 84 -30.24 -8.37 9.48
CA LEU A 84 -29.24 -9.25 8.88
C LEU A 84 -29.13 -10.58 9.64
N SER A 85 -29.39 -11.67 8.93
CA SER A 85 -29.31 -13.04 9.48
C SER A 85 -27.96 -13.76 9.40
N ASN A 86 -27.81 -14.83 10.18
CA ASN A 86 -26.62 -15.70 10.10
C ASN A 86 -25.41 -14.82 10.27
N VAL A 87 -25.49 -13.90 11.22
CA VAL A 87 -24.42 -12.93 11.38
C VAL A 87 -23.15 -13.66 11.75
N THR A 88 -22.05 -13.24 11.15
CA THR A 88 -20.75 -13.85 11.38
C THR A 88 -19.75 -12.78 11.74
N ALA A 89 -18.65 -13.19 12.34
CA ALA A 89 -17.65 -12.21 12.77
C ALA A 89 -17.30 -11.18 11.69
N ALA A 90 -17.40 -11.60 10.43
CA ALA A 90 -17.17 -10.73 9.28
C ALA A 90 -18.17 -9.57 9.20
N ASP A 91 -19.21 -9.62 10.03
CA ASP A 91 -20.21 -8.56 10.07
C ASP A 91 -19.99 -7.56 11.19
N THR A 92 -18.98 -7.78 12.03
CA THR A 92 -18.61 -6.78 13.03
C THR A 92 -18.24 -5.49 12.31
N ALA A 93 -18.93 -4.40 12.66
CA ALA A 93 -18.79 -3.15 11.92
C ALA A 93 -19.52 -1.99 12.58
N VAL A 94 -19.09 -0.78 12.25
CA VAL A 94 -19.86 0.42 12.52
C VAL A 94 -20.91 0.63 11.43
N TYR A 95 -22.18 0.64 11.80
CA TYR A 95 -23.26 0.81 10.84
C TYR A 95 -23.82 2.23 10.82
N HIS A 96 -23.86 2.84 9.63
CA HIS A 96 -24.35 4.21 9.48
C HIS A 96 -25.68 4.28 8.72
N CYS A 97 -26.66 4.96 9.31
CA CYS A 97 -27.84 5.41 8.57
C CYS A 97 -27.44 6.45 7.54
N VAL A 98 -28.17 6.46 6.41
CA VAL A 98 -27.75 7.21 5.23
C VAL A 98 -28.94 7.75 4.42
N ARG A 99 -28.79 8.97 3.89
CA ARG A 99 -29.74 9.49 2.91
C ARG A 99 -29.17 9.48 1.49
N SER A 100 -29.76 8.68 0.61
CA SER A 100 -29.30 8.58 -0.78
C SER A 100 -29.88 9.71 -1.63
N GLY A 101 -29.08 10.23 -2.55
CA GLY A 101 -29.51 11.35 -3.38
C GLY A 101 -29.25 11.12 -4.85
N GLY A 102 -30.02 11.78 -5.71
CA GLY A 102 -29.89 11.65 -7.15
C GLY A 102 -30.29 12.91 -7.89
N LYS A 112 -31.98 7.05 -10.31
CA LYS A 112 -31.36 6.21 -9.30
C LYS A 112 -30.22 6.96 -8.59
N PRO A 113 -30.20 6.89 -7.26
CA PRO A 113 -29.22 7.61 -6.43
C PRO A 113 -27.81 7.03 -6.44
N HIS A 114 -26.82 7.90 -6.26
CA HIS A 114 -25.41 7.52 -6.36
C HIS A 114 -24.54 8.15 -5.27
N TRP A 115 -25.03 9.20 -4.62
CA TRP A 115 -24.28 9.88 -3.58
C TRP A 115 -25.00 9.87 -2.24
N PHE A 116 -24.23 9.76 -1.15
CA PHE A 116 -24.82 9.70 0.19
C PHE A 116 -24.52 10.93 1.03
N SER A 117 -25.57 11.65 1.42
CA SER A 117 -25.50 12.63 2.50
C SER A 117 -26.89 12.99 3.00
N PRO A 118 -27.00 13.39 4.27
CA PRO A 118 -25.95 13.32 5.28
C PRO A 118 -25.84 11.93 5.90
N TRP A 119 -24.77 11.71 6.67
CA TRP A 119 -24.57 10.43 7.34
C TRP A 119 -24.95 10.52 8.82
N GLY A 120 -25.54 9.44 9.33
CA GLY A 120 -25.79 9.34 10.75
C GLY A 120 -24.46 9.11 11.45
N PRO A 121 -24.39 9.44 12.75
CA PRO A 121 -23.15 9.28 13.53
C PRO A 121 -22.63 7.85 13.53
N GLY A 122 -23.53 6.88 13.45
CA GLY A 122 -23.13 5.48 13.37
C GLY A 122 -23.20 4.77 14.70
N ILE A 123 -23.58 3.50 14.69
CA ILE A 123 -23.56 2.69 15.89
C ILE A 123 -22.67 1.45 15.72
N HIS A 124 -21.76 1.26 16.67
CA HIS A 124 -20.91 0.07 16.71
C HIS A 124 -21.72 -1.21 16.92
N VAL A 125 -21.44 -2.23 16.13
CA VAL A 125 -21.91 -3.58 16.44
C VAL A 125 -20.77 -4.60 16.41
N THR A 126 -20.49 -5.20 17.57
CA THR A 126 -19.51 -6.27 17.67
C THR A 126 -20.20 -7.63 17.55
N VAL A 127 -19.64 -8.52 16.74
CA VAL A 127 -20.17 -9.87 16.64
C VAL A 127 -19.23 -10.84 17.36
N SER A 128 -19.68 -11.35 18.50
CA SER A 128 -18.88 -12.26 19.31
C SER A 128 -19.77 -13.15 20.18
N SER A 129 -19.21 -14.26 20.66
CA SER A 129 -19.90 -15.12 21.60
C SER A 129 -19.63 -14.75 23.05
N ALA A 130 -18.68 -13.83 23.26
CA ALA A 130 -18.30 -13.42 24.61
C ALA A 130 -19.40 -12.60 25.26
N SER A 131 -19.44 -12.60 26.59
CA SER A 131 -20.50 -11.92 27.33
C SER A 131 -20.17 -10.46 27.59
N THR A 132 -21.22 -9.67 27.78
CA THR A 132 -21.10 -8.23 28.00
C THR A 132 -20.61 -7.93 29.42
N LYS A 133 -19.82 -6.86 29.57
CA LYS A 133 -19.24 -6.51 30.87
C LYS A 133 -19.11 -5.00 31.00
N GLY A 134 -19.71 -4.45 32.05
CA GLY A 134 -19.64 -3.03 32.29
C GLY A 134 -18.28 -2.65 32.83
N PRO A 135 -17.92 -1.37 32.72
CA PRO A 135 -16.60 -0.87 33.12
C PRO A 135 -16.44 -0.65 34.61
N SER A 136 -15.20 -0.77 35.09
CA SER A 136 -14.85 -0.33 36.43
C SER A 136 -14.20 1.04 36.33
N VAL A 137 -14.80 2.03 36.98
CA VAL A 137 -14.29 3.40 36.89
C VAL A 137 -13.50 3.79 38.13
N PHE A 138 -12.25 4.20 37.91
CA PHE A 138 -11.39 4.59 39.01
C PHE A 138 -10.90 6.02 38.79
N PRO A 139 -10.79 6.80 39.87
CA PRO A 139 -10.37 8.20 39.75
C PRO A 139 -8.88 8.35 39.50
N LEU A 140 -8.49 9.35 38.72
CA LEU A 140 -7.10 9.76 38.64
C LEU A 140 -6.91 11.15 39.22
N ALA A 141 -6.32 11.22 40.41
CA ALA A 141 -6.18 12.48 41.14
C ALA A 141 -5.20 13.43 40.46
N PRO A 142 -5.38 14.75 40.67
CA PRO A 142 -4.56 15.75 40.00
C PRO A 142 -3.08 15.65 40.34
N SER A 146 1.72 16.11 39.00
CA SER A 146 1.12 16.14 37.67
C SER A 146 0.40 17.46 37.39
N THR A 147 1.13 18.57 37.48
CA THR A 147 0.55 19.88 37.27
C THR A 147 1.40 20.75 36.33
N SER A 148 0.73 21.68 35.64
CA SER A 148 1.41 22.77 34.95
C SER A 148 0.90 24.06 35.61
N GLY A 149 1.81 24.94 36.01
CA GLY A 149 1.44 26.14 36.74
C GLY A 149 0.14 26.81 36.32
N GLY A 150 -0.82 26.83 37.25
CA GLY A 150 -2.12 27.40 36.99
C GLY A 150 -3.10 26.47 36.26
N THR A 151 -2.71 25.22 36.06
CA THR A 151 -3.52 24.20 35.36
C THR A 151 -3.13 22.78 35.75
N ALA A 152 -4.11 22.01 36.21
CA ALA A 152 -3.87 20.64 36.62
C ALA A 152 -4.71 19.68 35.79
N ALA A 153 -4.17 18.48 35.55
CA ALA A 153 -4.92 17.47 34.84
C ALA A 153 -5.44 16.43 35.84
N LEU A 154 -6.72 16.10 35.69
CA LEU A 154 -7.37 15.08 36.50
C LEU A 154 -8.33 14.30 35.61
N GLY A 155 -8.60 13.04 35.96
CA GLY A 155 -9.37 12.21 35.07
C GLY A 155 -10.03 10.98 35.65
N CYS A 156 -10.47 10.11 34.76
CA CYS A 156 -11.11 8.85 35.12
C CYS A 156 -10.57 7.68 34.30
N LEU A 157 -10.24 6.59 34.97
CA LEU A 157 -9.82 5.37 34.28
C LEU A 157 -10.99 4.42 34.13
N VAL A 158 -11.30 4.09 32.89
CA VAL A 158 -12.43 3.23 32.57
C VAL A 158 -11.91 1.87 32.12
N LYS A 159 -11.91 0.90 33.02
CA LYS A 159 -11.25 -0.38 32.78
C LYS A 159 -12.15 -1.59 32.56
N ASP A 160 -11.71 -2.45 31.64
CA ASP A 160 -12.31 -3.77 31.41
C ASP A 160 -13.79 -3.79 31.04
N TYR A 161 -14.17 -3.10 29.96
CA TYR A 161 -15.55 -3.13 29.52
C TYR A 161 -15.65 -3.86 28.18
N PHE A 162 -16.85 -4.36 27.88
CA PHE A 162 -17.11 -5.01 26.60
C PHE A 162 -18.60 -5.00 26.27
N PRO A 163 -18.94 -4.77 24.99
CA PRO A 163 -18.10 -4.27 23.90
C PRO A 163 -18.07 -2.74 23.87
N GLU A 164 -17.45 -2.17 22.84
CA GLU A 164 -17.46 -0.73 22.63
C GLU A 164 -18.83 -0.23 22.18
N PRO A 165 -19.13 1.06 22.42
CA PRO A 165 -18.27 2.09 23.01
C PRO A 165 -18.72 2.56 24.40
N VAL A 166 -17.87 3.34 25.06
CA VAL A 166 -18.32 4.17 26.16
C VAL A 166 -18.28 5.64 25.75
N THR A 167 -19.11 6.45 26.39
CA THR A 167 -19.02 7.90 26.23
C THR A 167 -18.68 8.54 27.57
N VAL A 168 -17.95 9.64 27.54
CA VAL A 168 -17.56 10.35 28.75
C VAL A 168 -17.86 11.84 28.63
N SER A 169 -18.51 12.38 29.66
CA SER A 169 -18.67 13.82 29.78
C SER A 169 -18.20 14.24 31.17
N TRP A 170 -18.15 15.54 31.42
CA TRP A 170 -17.75 16.02 32.73
C TRP A 170 -18.79 16.99 33.30
N ASN A 171 -19.09 16.82 34.59
CA ASN A 171 -20.06 17.65 35.28
C ASN A 171 -21.39 17.77 34.52
N SER A 172 -21.87 16.62 34.04
CA SER A 172 -23.15 16.52 33.32
C SER A 172 -23.17 17.39 32.06
N GLY A 173 -22.01 17.61 31.47
CA GLY A 173 -21.91 18.39 30.24
C GLY A 173 -21.57 19.84 30.46
N ALA A 174 -21.54 20.27 31.71
CA ALA A 174 -21.25 21.67 32.05
C ALA A 174 -19.76 21.98 31.86
N LEU A 175 -18.95 20.94 31.71
CA LEU A 175 -17.53 21.12 31.45
C LEU A 175 -17.17 20.63 30.05
N THR A 176 -16.62 21.52 29.24
CA THR A 176 -16.19 21.16 27.90
C THR A 176 -14.79 21.69 27.60
N SER A 177 -14.44 22.82 28.20
CA SER A 177 -13.12 23.40 28.04
C SER A 177 -12.04 22.53 28.67
N GLY A 178 -11.02 22.18 27.90
CA GLY A 178 -9.89 21.44 28.43
C GLY A 178 -10.15 19.95 28.60
N VAL A 179 -11.27 19.47 28.07
CA VAL A 179 -11.60 18.05 28.15
C VAL A 179 -10.99 17.28 26.99
N HIS A 180 -10.24 16.22 27.30
CA HIS A 180 -9.80 15.28 26.29
C HIS A 180 -10.08 13.83 26.69
N THR A 181 -10.71 13.07 25.79
CA THR A 181 -10.94 11.65 26.00
C THR A 181 -10.13 10.79 25.03
N PHE A 182 -9.24 9.95 25.57
CA PHE A 182 -8.34 9.12 24.77
C PHE A 182 -9.04 7.89 24.16
N PRO A 183 -8.56 7.46 22.97
CA PRO A 183 -9.03 6.23 22.33
C PRO A 183 -8.77 5.00 23.18
N ALA A 184 -9.69 4.03 23.14
CA ALA A 184 -9.57 2.81 23.93
C ALA A 184 -8.45 1.86 23.51
N VAL A 185 -8.07 0.99 24.44
CA VAL A 185 -7.10 -0.07 24.19
C VAL A 185 -7.74 -1.44 24.23
N LEU A 186 -7.58 -2.23 23.18
CA LEU A 186 -7.85 -3.65 23.28
C LEU A 186 -6.71 -4.31 24.03
N GLN A 187 -7.01 -5.34 24.82
CA GLN A 187 -6.02 -6.00 25.65
C GLN A 187 -5.98 -7.49 25.36
N SER A 188 -4.95 -8.16 25.85
CA SER A 188 -4.79 -9.59 25.64
C SER A 188 -6.00 -10.36 26.16
N SER A 189 -6.58 -9.85 27.24
CA SER A 189 -7.83 -10.38 27.77
C SER A 189 -8.98 -10.25 26.77
N GLY A 190 -8.96 -9.18 25.98
CA GLY A 190 -10.02 -8.92 25.02
C GLY A 190 -11.02 -7.91 25.58
N LEU A 191 -10.82 -7.53 26.84
CA LEU A 191 -11.54 -6.42 27.44
C LEU A 191 -10.94 -5.09 27.01
N TYR A 192 -11.79 -4.08 26.81
CA TYR A 192 -11.31 -2.74 26.48
C TYR A 192 -11.00 -1.92 27.72
N SER A 193 -10.08 -0.96 27.58
CA SER A 193 -9.91 0.08 28.58
C SER A 193 -9.58 1.43 27.94
N LEU A 194 -10.09 2.51 28.52
CA LEU A 194 -9.70 3.86 28.13
C LEU A 194 -9.69 4.78 29.34
N SER A 195 -9.14 5.98 29.15
CA SER A 195 -9.24 7.01 30.17
C SER A 195 -9.55 8.37 29.56
N SER A 196 -10.12 9.25 30.38
CA SER A 196 -10.48 10.59 29.96
C SER A 196 -9.94 11.59 30.97
N VAL A 197 -9.44 12.73 30.49
CA VAL A 197 -8.80 13.69 31.37
C VAL A 197 -9.24 15.12 31.05
N VAL A 198 -9.31 15.95 32.07
CA VAL A 198 -9.67 17.35 31.91
C VAL A 198 -8.65 18.27 32.56
N THR A 199 -8.35 19.39 31.90
CA THR A 199 -7.44 20.38 32.45
C THR A 199 -8.21 21.52 33.10
N VAL A 200 -7.91 21.80 34.35
CA VAL A 200 -8.67 22.74 35.15
C VAL A 200 -7.75 23.71 35.88
N PRO A 201 -8.27 24.88 36.29
CA PRO A 201 -7.45 25.80 37.08
C PRO A 201 -7.06 25.17 38.42
N SER A 202 -5.80 25.31 38.81
CA SER A 202 -5.31 24.73 40.06
C SER A 202 -5.99 25.32 41.29
N SER A 203 -6.27 26.61 41.25
CA SER A 203 -6.96 27.30 42.34
C SER A 203 -8.36 26.75 42.64
N SER A 204 -8.93 26.05 41.66
CA SER A 204 -10.30 25.54 41.76
C SER A 204 -10.44 24.20 42.47
N LEU A 205 -9.33 23.52 42.68
CA LEU A 205 -9.34 22.13 43.17
C LEU A 205 -9.96 21.96 44.56
N GLY A 206 -9.84 22.97 45.41
CA GLY A 206 -10.35 22.88 46.77
C GLY A 206 -11.80 23.28 46.94
N THR A 207 -12.37 23.91 45.91
CA THR A 207 -13.69 24.51 46.02
C THR A 207 -14.70 23.89 45.06
N GLN A 208 -14.21 23.39 43.93
CA GLN A 208 -15.08 22.82 42.90
C GLN A 208 -14.93 21.31 42.82
N THR A 209 -16.05 20.63 42.63
CA THR A 209 -16.07 19.17 42.56
C THR A 209 -16.19 18.72 41.12
N TYR A 210 -15.30 17.81 40.72
CA TYR A 210 -15.27 17.33 39.34
C TYR A 210 -15.76 15.90 39.25
N ILE A 211 -16.77 15.70 38.39
CA ILE A 211 -17.38 14.40 38.22
C ILE A 211 -17.40 13.99 36.75
N CYS A 212 -16.89 12.81 36.45
CA CYS A 212 -16.95 12.28 35.10
C CYS A 212 -18.16 11.37 34.93
N ASN A 213 -18.87 11.55 33.82
CA ASN A 213 -20.05 10.75 33.51
C ASN A 213 -19.78 9.74 32.41
N VAL A 214 -19.68 8.47 32.80
CA VAL A 214 -19.39 7.39 31.88
C VAL A 214 -20.64 6.61 31.53
N ASN A 215 -20.93 6.50 30.23
CA ASN A 215 -22.10 5.76 29.78
C ASN A 215 -21.70 4.58 28.89
N HIS A 216 -22.25 3.41 29.22
CA HIS A 216 -22.01 2.19 28.48
C HIS A 216 -23.30 1.49 28.09
N LYS A 217 -23.83 1.83 26.92
CA LYS A 217 -25.14 1.35 26.50
C LYS A 217 -25.29 -0.18 26.38
N PRO A 218 -24.26 -0.90 25.89
CA PRO A 218 -24.43 -2.35 25.78
C PRO A 218 -24.76 -3.07 27.09
N SER A 219 -24.32 -2.54 28.22
CA SER A 219 -24.62 -3.13 29.52
C SER A 219 -25.57 -2.26 30.33
N ASN A 220 -26.04 -1.18 29.71
CA ASN A 220 -26.91 -0.20 30.36
C ASN A 220 -26.33 0.31 31.66
N THR A 221 -25.04 0.63 31.63
CA THR A 221 -24.36 1.13 32.81
C THR A 221 -24.02 2.60 32.66
N LYS A 222 -24.41 3.40 33.64
CA LYS A 222 -23.96 4.79 33.70
C LYS A 222 -23.29 5.00 35.06
N VAL A 223 -22.06 5.53 35.04
CA VAL A 223 -21.32 5.76 36.27
C VAL A 223 -20.85 7.20 36.38
N ASP A 224 -21.21 7.85 37.47
CA ASP A 224 -20.74 9.21 37.73
C ASP A 224 -19.74 9.23 38.88
N LYS A 225 -18.46 9.39 38.53
CA LYS A 225 -17.38 9.28 39.51
C LYS A 225 -16.82 10.66 39.86
N ARG A 226 -16.92 11.02 41.15
CA ARG A 226 -16.29 12.24 41.62
C ARG A 226 -14.80 11.99 41.81
N VAL A 227 -13.97 12.94 41.39
CA VAL A 227 -12.53 12.79 41.51
C VAL A 227 -11.91 13.75 42.53
N GLU A 228 -11.40 13.19 43.63
CA GLU A 228 -10.84 13.99 44.71
C GLU A 228 -9.32 14.07 44.67
N PRO A 229 -8.77 15.26 44.97
CA PRO A 229 -7.33 15.52 45.12
C PRO A 229 -6.69 14.67 46.23
N LYS A 230 -5.59 13.98 45.94
CA LYS A 230 -4.92 13.17 46.97
C LYS A 230 -4.37 14.03 48.10
N SER A 231 -4.40 13.49 49.31
CA SER A 231 -3.91 14.20 50.49
C SER A 231 -2.56 13.64 50.93
N ALA B 3 -13.41 -4.71 -5.16
CA ALA B 3 -14.14 -3.49 -5.42
C ALA B 3 -13.30 -2.50 -6.22
N LEU B 4 -13.53 -1.22 -6.01
CA LEU B 4 -12.71 -0.18 -6.63
C LEU B 4 -11.33 -0.18 -6.00
N THR B 5 -10.32 0.24 -6.75
CA THR B 5 -8.96 0.24 -6.23
C THR B 5 -8.41 1.65 -6.08
N GLN B 6 -7.93 1.96 -4.88
CA GLN B 6 -7.22 3.22 -4.64
C GLN B 6 -5.98 2.94 -3.79
N PRO B 7 -4.95 3.80 -3.90
CA PRO B 7 -3.73 3.58 -3.13
C PRO B 7 -3.98 3.55 -1.63
N PRO B 8 -3.12 2.85 -0.88
CA PRO B 8 -3.31 2.75 0.58
C PRO B 8 -3.03 4.06 1.29
N SER B 9 -2.12 4.87 0.74
CA SER B 9 -1.74 6.13 1.37
C SER B 9 -1.26 7.16 0.36
N ALA B 10 -1.27 8.43 0.78
CA ALA B 10 -0.81 9.53 -0.05
C ALA B 10 -0.40 10.70 0.83
N SER B 11 0.46 11.59 0.31
CA SER B 11 0.96 12.70 1.11
C SER B 11 1.35 13.93 0.29
N GLY B 12 1.32 15.08 0.94
CA GLY B 12 1.79 16.33 0.35
C GLY B 12 2.12 17.39 1.38
N SER B 13 2.77 18.46 0.95
CA SER B 13 3.16 19.55 1.83
C SER B 13 2.07 20.62 1.91
N LEU B 14 2.05 21.41 2.99
CA LEU B 14 1.09 22.51 3.12
C LEU B 14 1.22 23.47 1.95
N GLY B 15 0.08 23.86 1.39
CA GLY B 15 0.05 24.81 0.29
C GLY B 15 0.18 24.10 -1.04
N GLN B 16 0.73 22.89 -1.00
CA GLN B 16 0.96 22.11 -2.21
C GLN B 16 -0.30 21.34 -2.59
N SER B 17 -0.24 20.63 -3.72
CA SER B 17 -1.39 19.86 -4.19
C SER B 17 -1.15 18.35 -4.14
N VAL B 18 -2.20 17.60 -3.82
CA VAL B 18 -2.12 16.14 -3.84
C VAL B 18 -3.25 15.55 -4.69
N THR B 19 -2.93 14.49 -5.42
CA THR B 19 -3.91 13.77 -6.21
C THR B 19 -3.96 12.28 -5.83
N ILE B 20 -5.17 11.77 -5.62
CA ILE B 20 -5.36 10.34 -5.33
C ILE B 20 -6.30 9.75 -6.37
N SER B 21 -6.15 8.46 -6.65
CA SER B 21 -6.86 7.88 -7.77
C SER B 21 -7.80 6.75 -7.41
N CYS B 22 -8.86 6.60 -8.18
CA CYS B 22 -9.80 5.50 -7.98
C CYS B 22 -10.00 4.76 -9.29
N ASN B 23 -9.52 3.52 -9.37
CA ASN B 23 -9.59 2.79 -10.61
C ASN B 23 -10.71 1.75 -10.65
N GLY B 24 -11.43 1.71 -11.76
CA GLY B 24 -12.59 0.86 -11.88
C GLY B 24 -12.73 0.13 -13.21
N THR B 25 -13.59 -0.87 -13.22
CA THR B 25 -13.91 -1.65 -14.41
C THR B 25 -14.76 -0.86 -15.39
N SER B 26 -14.74 -1.29 -16.65
CA SER B 26 -15.43 -0.55 -17.70
C SER B 26 -16.87 -0.21 -17.29
N SER B 27 -17.53 -1.17 -16.67
CA SER B 27 -18.89 -1.00 -16.14
C SER B 27 -19.03 -0.01 -14.98
N ASP B 28 -17.95 0.27 -14.26
CA ASP B 28 -18.06 1.03 -13.00
C ASP B 28 -17.78 2.53 -13.11
N ILE B 29 -16.63 2.89 -13.64
CA ILE B 29 -16.27 4.30 -13.77
C ILE B 29 -16.25 4.73 -15.23
N GLY B 30 -15.70 3.88 -16.09
CA GLY B 30 -15.67 4.15 -17.52
C GLY B 30 -17.07 4.22 -18.11
N GLY B 31 -17.94 3.33 -17.65
CA GLY B 31 -19.31 3.26 -18.15
C GLY B 31 -20.21 4.43 -17.81
N TRP B 32 -20.22 4.85 -16.55
CA TRP B 32 -21.19 5.86 -16.10
C TRP B 32 -20.48 7.07 -15.52
N ASN B 33 -21.16 8.20 -15.60
CA ASN B 33 -20.63 9.47 -15.09
C ASN B 33 -20.45 9.54 -13.58
N PHE B 34 -21.36 8.96 -12.81
CA PHE B 34 -21.40 9.27 -11.39
C PHE B 34 -20.25 8.62 -10.62
N VAL B 35 -19.42 9.47 -10.03
CA VAL B 35 -18.43 9.07 -9.03
C VAL B 35 -18.49 10.03 -7.85
N SER B 36 -18.83 9.52 -6.68
CA SER B 36 -18.73 10.32 -5.45
C SER B 36 -17.43 10.14 -4.67
N TRP B 37 -17.04 11.18 -3.94
CA TRP B 37 -15.88 11.13 -3.03
C TRP B 37 -16.25 11.55 -1.61
N TYR B 38 -15.73 10.83 -0.62
CA TYR B 38 -16.03 11.11 0.79
C TYR B 38 -14.80 11.36 1.67
N GLN B 39 -14.97 12.27 2.63
CA GLN B 39 -13.94 12.57 3.63
C GLN B 39 -14.31 12.04 5.01
N GLN B 40 -13.38 11.34 5.65
CA GLN B 40 -13.60 10.87 7.01
C GLN B 40 -12.44 11.22 7.94
N PHE B 41 -12.70 12.12 8.88
CA PHE B 41 -11.77 12.36 9.96
C PHE B 41 -11.91 11.18 10.93
N PRO B 42 -10.80 10.78 11.57
CA PRO B 42 -10.90 9.62 12.46
C PRO B 42 -11.83 9.86 13.65
N GLY B 43 -12.65 8.87 13.96
CA GLY B 43 -13.63 8.97 15.03
C GLY B 43 -14.90 9.71 14.63
N ARG B 44 -15.04 9.99 13.34
CA ARG B 44 -16.21 10.69 12.83
C ARG B 44 -16.84 9.96 11.65
N ALA B 45 -18.09 10.29 11.34
CA ALA B 45 -18.75 9.75 10.16
C ALA B 45 -18.14 10.39 8.91
N PRO B 46 -18.18 9.67 7.77
CA PRO B 46 -17.70 10.26 6.51
C PRO B 46 -18.52 11.46 6.07
N ARG B 47 -17.90 12.34 5.28
CA ARG B 47 -18.58 13.51 4.74
C ARG B 47 -18.40 13.61 3.23
N LEU B 48 -19.51 13.83 2.52
CA LEU B 48 -19.52 13.97 1.08
C LEU B 48 -18.68 15.16 0.59
N ILE B 49 -17.80 14.91 -0.38
CA ILE B 49 -17.01 15.97 -0.98
C ILE B 49 -17.36 16.20 -2.44
N ILE B 50 -17.69 15.12 -3.14
CA ILE B 50 -18.06 15.18 -4.54
C ILE B 50 -19.21 14.21 -4.83
N PHE B 51 -20.21 14.61 -5.62
CA PHE B 51 -21.32 13.70 -5.92
C PHE B 51 -21.38 13.31 -7.39
N GLU B 52 -20.88 14.20 -8.24
CA GLU B 52 -20.70 13.93 -9.66
C GLU B 52 -19.28 14.36 -9.92
N VAL B 53 -18.61 13.75 -10.89
CA VAL B 53 -17.14 13.81 -10.94
C VAL B 53 -16.55 15.21 -10.79
N ASN B 54 -17.14 16.19 -11.45
CA ASN B 54 -16.74 17.58 -11.25
C ASN B 54 -17.27 18.22 -9.97
N LYS B 55 -18.55 17.96 -9.70
CA LYS B 55 -19.37 18.88 -8.90
C LYS B 55 -19.15 18.85 -7.39
N ARG B 56 -19.49 19.97 -6.76
CA ARG B 56 -19.23 20.22 -5.34
C ARG B 56 -20.51 20.59 -4.58
N PRO B 57 -20.68 20.04 -3.38
CA PRO B 57 -21.80 20.39 -2.48
C PRO B 57 -21.59 21.77 -1.88
N SER B 58 -22.65 22.37 -1.35
CA SER B 58 -22.65 23.77 -0.97
C SER B 58 -21.59 24.13 0.08
N GLY B 59 -21.42 23.30 1.09
CA GLY B 59 -20.38 23.54 2.09
C GLY B 59 -18.94 23.41 1.63
N VAL B 60 -18.68 22.39 0.82
CA VAL B 60 -17.31 22.02 0.42
C VAL B 60 -16.47 23.10 -0.27
N PRO B 61 -15.25 23.34 0.25
CA PRO B 61 -14.19 24.23 -0.27
C PRO B 61 -13.71 23.88 -1.68
N GLY B 62 -13.31 24.90 -2.43
CA GLY B 62 -12.83 24.77 -3.80
C GLY B 62 -11.49 24.11 -3.94
N ARG B 63 -10.84 23.86 -2.81
CA ARG B 63 -9.55 23.19 -2.81
C ARG B 63 -9.74 21.74 -3.23
N PHE B 64 -10.98 21.28 -3.15
CA PHE B 64 -11.32 19.93 -3.55
C PHE B 64 -11.88 19.91 -4.97
N SER B 65 -11.27 19.12 -5.84
CA SER B 65 -11.72 19.03 -7.22
C SER B 65 -11.66 17.58 -7.69
N GLY B 66 -12.57 17.21 -8.59
CA GLY B 66 -12.58 15.86 -9.12
C GLY B 66 -12.42 15.85 -10.63
N SER B 67 -11.85 14.76 -11.14
CA SER B 67 -11.74 14.57 -12.58
C SER B 67 -11.85 13.10 -12.94
N LYS B 68 -12.06 12.83 -14.22
CA LYS B 68 -12.11 11.45 -14.70
C LYS B 68 -11.41 11.33 -16.05
N SER B 69 -10.80 10.17 -16.27
CA SER B 69 -10.25 9.83 -17.58
C SER B 69 -10.41 8.33 -17.81
N GLY B 70 -11.23 7.97 -18.77
CA GLY B 70 -11.53 6.57 -19.03
C GLY B 70 -12.03 5.86 -17.78
N ASN B 71 -11.37 4.76 -17.42
CA ASN B 71 -11.76 3.98 -16.25
C ASN B 71 -11.24 4.52 -14.93
N SER B 72 -10.46 5.60 -14.97
CA SER B 72 -9.83 6.12 -13.75
C SER B 72 -10.42 7.45 -13.25
N ALA B 73 -10.63 7.53 -11.94
CA ALA B 73 -11.17 8.74 -11.30
C ALA B 73 -10.10 9.37 -10.40
N SER B 74 -10.01 10.69 -10.41
CA SER B 74 -9.04 11.40 -9.59
C SER B 74 -9.65 12.45 -8.66
N LEU B 75 -9.21 12.45 -7.41
CA LEU B 75 -9.53 13.53 -6.47
C LEU B 75 -8.28 14.36 -6.19
N THR B 76 -8.39 15.67 -6.38
CA THR B 76 -7.28 16.58 -6.12
C THR B 76 -7.58 17.57 -4.98
N VAL B 77 -6.69 17.63 -4.00
CA VAL B 77 -6.77 18.64 -2.96
C VAL B 77 -5.69 19.70 -3.15
N SER B 78 -6.10 20.94 -3.34
CA SER B 78 -5.18 22.02 -3.67
C SER B 78 -4.97 22.99 -2.50
N GLY B 79 -3.73 23.27 -2.16
CA GLY B 79 -3.44 24.15 -1.05
C GLY B 79 -3.78 23.46 0.24
N LEU B 80 -3.02 22.41 0.54
CA LEU B 80 -3.25 21.56 1.70
C LEU B 80 -3.25 22.27 3.05
N GLN B 81 -4.18 21.88 3.89
CA GLN B 81 -4.25 22.34 5.27
C GLN B 81 -4.14 21.14 6.19
N SER B 82 -3.67 21.37 7.41
CA SER B 82 -3.59 20.30 8.41
C SER B 82 -4.94 19.63 8.60
N ASP B 83 -6.01 20.38 8.37
CA ASP B 83 -7.37 19.88 8.52
C ASP B 83 -7.63 18.70 7.58
N ASP B 84 -7.06 18.78 6.38
CA ASP B 84 -7.34 17.83 5.32
C ASP B 84 -6.81 16.42 5.59
N GLU B 85 -5.96 16.29 6.60
CA GLU B 85 -5.38 15.00 6.96
C GLU B 85 -6.47 14.06 7.48
N GLY B 86 -6.69 12.96 6.75
CA GLY B 86 -7.82 12.07 7.00
C GLY B 86 -7.88 10.92 6.00
N GLN B 87 -8.92 10.10 6.11
CA GLN B 87 -9.14 9.02 5.13
C GLN B 87 -10.21 9.37 4.09
N TYR B 88 -9.87 9.18 2.83
CA TYR B 88 -10.75 9.52 1.71
C TYR B 88 -11.23 8.31 0.93
N PHE B 89 -12.54 8.22 0.70
CA PHE B 89 -13.12 7.10 -0.05
C PHE B 89 -13.77 7.54 -1.37
N CYS B 90 -13.85 6.62 -2.32
CA CYS B 90 -14.51 6.87 -3.60
C CYS B 90 -15.58 5.83 -3.90
N SER B 91 -16.70 6.29 -4.45
CA SER B 91 -17.86 5.44 -4.72
C SER B 91 -18.33 5.56 -6.17
N SER B 92 -18.61 4.41 -6.81
CA SER B 92 -19.22 4.41 -8.14
C SER B 92 -20.27 3.31 -8.31
N LEU B 93 -21.23 3.58 -9.19
CA LEU B 93 -22.26 2.60 -9.55
C LEU B 93 -21.76 1.43 -10.40
N PHE B 94 -22.22 0.24 -10.07
CA PHE B 94 -21.75 -1.01 -10.69
C PHE B 94 -22.69 -1.48 -11.78
N GLY B 95 -23.95 -1.09 -11.65
CA GLY B 95 -25.02 -1.53 -12.52
C GLY B 95 -26.21 -0.78 -11.96
N ARG B 96 -27.41 -1.02 -12.48
CA ARG B 96 -28.58 -0.38 -11.91
C ARG B 96 -28.69 -0.80 -10.44
N TRP B 97 -28.38 -2.07 -10.19
CA TRP B 97 -28.52 -2.69 -8.87
C TRP B 97 -27.40 -2.54 -7.83
N ASP B 98 -26.43 -1.64 -8.00
CA ASP B 98 -25.31 -1.70 -7.06
C ASP B 98 -24.41 -0.46 -6.93
N VAL B 99 -24.05 -0.17 -5.68
CA VAL B 99 -23.07 0.85 -5.32
C VAL B 99 -21.76 0.21 -4.84
N VAL B 100 -20.63 0.71 -5.31
CA VAL B 100 -19.32 0.12 -4.98
C VAL B 100 -18.38 1.16 -4.37
N PHE B 101 -17.59 0.72 -3.40
CA PHE B 101 -16.69 1.61 -2.67
C PHE B 101 -15.23 1.24 -2.87
N GLY B 102 -14.37 2.25 -3.02
CA GLY B 102 -12.94 2.03 -3.02
C GLY B 102 -12.45 1.65 -1.63
N GLY B 103 -11.20 1.19 -1.54
CA GLY B 103 -10.68 0.68 -0.29
C GLY B 103 -10.23 1.76 0.67
N GLY B 104 -10.19 3.00 0.20
CA GLY B 104 -9.79 4.12 1.03
C GLY B 104 -8.32 4.49 0.96
N THR B 105 -8.05 5.79 1.02
CA THR B 105 -6.68 6.31 1.01
C THR B 105 -6.42 7.19 2.22
N LYS B 106 -5.38 6.86 2.99
CA LYS B 106 -4.93 7.71 4.09
C LYS B 106 -4.10 8.89 3.60
N LEU B 107 -4.64 10.10 3.76
CA LEU B 107 -3.94 11.31 3.33
C LEU B 107 -3.29 12.07 4.46
N THR B 108 -1.96 12.14 4.43
CA THR B 108 -1.19 12.97 5.35
C THR B 108 -0.68 14.26 4.69
N VAL B 109 -0.74 15.38 5.40
CA VAL B 109 0.02 16.55 5.01
C VAL B 109 1.45 16.44 5.57
N LEU B 110 2.45 16.64 4.71
CA LEU B 110 3.83 16.28 5.04
C LEU B 110 4.72 17.46 5.41
N GLY B 111 4.20 18.66 5.27
CA GLY B 111 4.93 19.81 5.79
C GLY B 111 4.15 20.28 7.01
N GLN B 112 4.63 19.89 8.18
CA GLN B 112 4.03 20.31 9.44
C GLN B 112 5.11 20.38 10.51
N PRO B 113 4.95 21.31 11.46
CA PRO B 113 5.89 21.45 12.57
C PRO B 113 5.87 20.34 13.60
N LYS B 114 7.04 20.03 14.14
CA LYS B 114 7.14 19.01 15.17
C LYS B 114 6.54 19.57 16.44
N ALA B 115 5.93 18.71 17.24
CA ALA B 115 5.39 19.11 18.53
C ALA B 115 5.74 18.04 19.54
N ALA B 116 6.32 18.44 20.66
CA ALA B 116 6.77 17.44 21.61
C ALA B 116 5.56 16.93 22.37
N PRO B 117 5.60 15.66 22.79
CA PRO B 117 4.43 15.12 23.49
C PRO B 117 4.34 15.65 24.92
N SER B 118 3.11 15.74 25.42
CA SER B 118 2.90 15.99 26.85
C SER B 118 2.60 14.65 27.50
N VAL B 119 3.34 14.32 28.54
CA VAL B 119 3.16 13.03 29.19
C VAL B 119 2.67 13.20 30.62
N THR B 120 1.58 12.52 30.93
CA THR B 120 1.05 12.50 32.29
C THR B 120 1.02 11.06 32.77
N LEU B 121 1.66 10.81 33.91
CA LEU B 121 1.72 9.47 34.46
C LEU B 121 0.92 9.39 35.75
N PHE B 122 0.07 8.36 35.85
CA PHE B 122 -0.77 8.16 37.01
C PHE B 122 -0.45 6.84 37.69
N PRO B 123 -0.25 6.88 39.02
CA PRO B 123 -0.10 5.66 39.80
C PRO B 123 -1.46 5.01 40.04
N PRO B 124 -1.49 3.74 40.46
CA PRO B 124 -2.77 3.12 40.80
C PRO B 124 -3.50 3.90 41.87
N SER B 125 -4.81 4.07 41.71
CA SER B 125 -5.59 4.75 42.73
C SER B 125 -5.73 3.84 43.94
N SER B 126 -5.96 4.43 45.10
CA SER B 126 -6.18 3.66 46.32
C SER B 126 -7.41 2.78 46.17
N GLU B 127 -8.46 3.34 45.59
CA GLU B 127 -9.71 2.63 45.38
C GLU B 127 -9.50 1.37 44.53
N GLU B 128 -8.65 1.48 43.51
CA GLU B 128 -8.28 0.34 42.67
C GLU B 128 -7.42 -0.71 43.37
N LEU B 129 -6.48 -0.28 44.19
CA LEU B 129 -5.48 -1.19 44.75
C LEU B 129 -6.08 -2.25 45.67
N GLN B 130 -7.35 -2.08 46.02
CA GLN B 130 -8.02 -3.04 46.88
C GLN B 130 -9.17 -3.75 46.18
N ALA B 131 -9.30 -3.49 44.87
CA ALA B 131 -9.89 -4.45 43.93
C ALA B 131 -8.98 -5.67 43.79
N ASN B 132 -7.79 -5.56 44.36
CA ASN B 132 -6.66 -6.47 44.21
C ASN B 132 -6.00 -6.30 42.84
N LYS B 133 -6.10 -5.08 42.29
CA LYS B 133 -5.55 -4.79 40.98
C LYS B 133 -4.65 -3.57 41.07
N ALA B 134 -3.87 -3.31 40.01
CA ALA B 134 -3.01 -2.13 39.95
C ALA B 134 -2.76 -1.73 38.51
N THR B 135 -3.04 -0.46 38.17
CA THR B 135 -2.81 0.02 36.83
C THR B 135 -2.09 1.36 36.79
N LEU B 136 -0.92 1.37 36.14
CA LEU B 136 -0.21 2.62 35.89
C LEU B 136 -0.67 3.16 34.54
N VAL B 137 -0.98 4.45 34.50
CA VAL B 137 -1.59 5.05 33.32
C VAL B 137 -0.72 6.15 32.73
N CYS B 138 -0.24 5.93 31.53
CA CYS B 138 0.63 6.90 30.86
C CYS B 138 -0.12 7.53 29.68
N LEU B 139 -0.44 8.81 29.81
CA LEU B 139 -1.21 9.51 28.79
C LEU B 139 -0.36 10.49 28.01
N ILE B 140 -0.38 10.35 26.68
CA ILE B 140 0.50 11.09 25.80
C ILE B 140 -0.33 11.90 24.82
N SER B 141 -0.09 13.21 24.76
CA SER B 141 -0.95 14.08 23.96
C SER B 141 -0.22 15.22 23.27
N ASP B 142 -0.91 15.83 22.31
CA ASP B 142 -0.49 17.09 21.67
C ASP B 142 0.83 16.99 20.93
N PHE B 143 1.06 15.87 20.24
CA PHE B 143 2.34 15.67 19.57
C PHE B 143 2.21 15.40 18.06
N TYR B 144 3.28 15.75 17.34
CA TYR B 144 3.36 15.53 15.90
C TYR B 144 4.82 15.40 15.49
N PRO B 145 5.15 14.43 14.61
CA PRO B 145 4.31 13.44 13.93
C PRO B 145 3.65 12.44 14.87
N GLY B 146 2.65 11.72 14.37
CA GLY B 146 1.95 10.74 15.18
C GLY B 146 2.68 9.41 15.26
N ALA B 147 3.83 9.43 15.90
CA ALA B 147 4.60 8.21 16.11
C ALA B 147 5.43 8.31 17.39
N VAL B 148 5.23 7.37 18.29
CA VAL B 148 5.98 7.34 19.54
C VAL B 148 6.41 5.93 19.88
N THR B 149 7.40 5.81 20.78
CA THR B 149 7.74 4.53 21.36
C THR B 149 7.59 4.64 22.87
N VAL B 150 7.01 3.61 23.49
CA VAL B 150 6.81 3.63 24.92
C VAL B 150 7.55 2.47 25.59
N ALA B 151 8.31 2.78 26.63
CA ALA B 151 9.02 1.78 27.40
C ALA B 151 8.73 1.96 28.89
N TRP B 152 8.60 0.86 29.62
CA TRP B 152 8.28 0.93 31.03
C TRP B 152 9.46 0.44 31.87
N LYS B 153 9.67 1.06 33.02
CA LYS B 153 10.75 0.63 33.91
C LYS B 153 10.30 0.37 35.34
N ALA B 154 10.69 -0.79 35.86
CA ALA B 154 10.55 -1.10 37.28
C ALA B 154 11.93 -0.89 37.88
N ASP B 155 12.06 0.11 38.74
CA ASP B 155 13.38 0.55 39.19
C ASP B 155 14.17 0.95 37.96
N SER B 156 15.36 0.39 37.79
CA SER B 156 16.16 0.70 36.60
C SER B 156 16.04 -0.33 35.49
N SER B 157 15.22 -1.36 35.70
CA SER B 157 15.13 -2.47 34.75
C SER B 157 13.80 -2.50 33.99
N PRO B 158 13.86 -2.75 32.66
CA PRO B 158 12.73 -2.72 31.72
C PRO B 158 11.62 -3.72 32.02
N VAL B 159 10.37 -3.29 31.83
CA VAL B 159 9.20 -4.14 32.00
C VAL B 159 8.49 -4.40 30.68
N LYS B 160 8.37 -5.67 30.29
CA LYS B 160 7.63 -6.02 29.07
C LYS B 160 6.25 -6.64 29.30
N ALA B 161 6.06 -7.31 30.44
CA ALA B 161 4.91 -8.17 30.64
C ALA B 161 3.54 -7.48 30.65
N GLY B 162 3.42 -6.38 31.39
CA GLY B 162 2.12 -5.78 31.64
C GLY B 162 1.67 -4.71 30.68
N VAL B 163 2.49 -4.41 29.67
CA VAL B 163 2.27 -3.24 28.82
C VAL B 163 1.17 -3.43 27.76
N GLU B 164 0.30 -2.43 27.66
CA GLU B 164 -0.64 -2.32 26.54
C GLU B 164 -0.59 -0.89 25.99
N THR B 165 -0.36 -0.75 24.69
CA THR B 165 -0.22 0.57 24.09
C THR B 165 -1.11 0.79 22.86
N THR B 166 -1.79 1.93 22.82
CA THR B 166 -2.60 2.31 21.67
C THR B 166 -1.77 2.73 20.45
N THR B 167 -2.35 2.54 19.28
CA THR B 167 -1.85 3.19 18.08
C THR B 167 -2.22 4.67 18.20
N PRO B 168 -1.29 5.58 17.85
CA PRO B 168 -1.62 7.01 17.92
C PRO B 168 -2.72 7.41 16.94
N SER B 169 -3.57 8.37 17.35
CA SER B 169 -4.67 8.82 16.50
C SER B 169 -4.86 10.33 16.58
N LYS B 170 -5.41 10.91 15.52
CA LYS B 170 -5.59 12.36 15.42
C LYS B 170 -6.67 12.87 16.35
N GLN B 171 -6.53 14.13 16.76
CA GLN B 171 -7.47 14.76 17.68
C GLN B 171 -7.93 16.11 17.14
N SER B 172 -8.94 16.70 17.80
CA SER B 172 -9.62 17.88 17.29
C SER B 172 -8.66 19.05 17.01
N ASN B 173 -7.68 19.23 17.91
CA ASN B 173 -6.68 20.27 17.75
C ASN B 173 -5.75 20.07 16.54
N ASN B 174 -5.90 18.92 15.88
CA ASN B 174 -5.12 18.46 14.72
C ASN B 174 -3.81 17.80 15.09
N LYS B 175 -3.52 17.71 16.39
CA LYS B 175 -2.36 16.94 16.85
C LYS B 175 -2.77 15.54 17.30
N TYR B 176 -1.82 14.78 17.83
CA TYR B 176 -2.06 13.36 18.09
C TYR B 176 -2.00 12.99 19.57
N ALA B 177 -2.85 12.04 19.95
CA ALA B 177 -2.86 11.48 21.29
C ALA B 177 -2.54 9.99 21.24
N ALA B 178 -2.01 9.46 22.35
CA ALA B 178 -1.85 8.03 22.54
C ALA B 178 -1.79 7.70 24.03
N SER B 179 -2.06 6.44 24.37
CA SER B 179 -2.01 6.03 25.77
C SER B 179 -1.39 4.64 25.96
N SER B 180 -0.73 4.45 27.10
CA SER B 180 -0.10 3.17 27.42
C SER B 180 -0.38 2.78 28.88
N TYR B 181 -0.75 1.53 29.09
CA TYR B 181 -1.13 1.04 30.41
C TYR B 181 -0.26 -0.12 30.89
N LEU B 182 0.17 -0.04 32.15
CA LEU B 182 0.92 -1.13 32.77
C LEU B 182 0.09 -1.77 33.88
N SER B 183 -0.27 -3.04 33.71
CA SER B 183 -1.04 -3.74 34.73
C SER B 183 -0.16 -4.56 35.68
N LEU B 184 -0.38 -4.36 36.97
CA LEU B 184 0.39 -5.02 38.02
C LEU B 184 -0.53 -5.58 39.09
N THR B 185 0.02 -6.50 39.89
CA THR B 185 -0.62 -6.86 41.15
C THR B 185 -0.18 -5.83 42.18
N PRO B 186 -1.00 -5.62 43.23
CA PRO B 186 -0.62 -4.69 44.29
C PRO B 186 0.74 -5.00 44.92
N GLU B 187 1.04 -6.29 45.07
CA GLU B 187 2.30 -6.74 45.68
C GLU B 187 3.56 -6.28 44.92
N GLN B 188 3.58 -6.47 43.60
CA GLN B 188 4.74 -6.06 42.81
C GLN B 188 4.84 -4.53 42.73
N TRP B 189 3.69 -3.86 42.74
CA TRP B 189 3.64 -2.41 42.85
C TRP B 189 4.31 -1.91 44.13
N LYS B 190 4.00 -2.56 45.24
CA LYS B 190 4.57 -2.17 46.54
C LYS B 190 6.01 -2.67 46.73
N SER B 191 6.44 -3.62 45.92
CA SER B 191 7.75 -4.23 46.11
C SER B 191 8.89 -3.49 45.41
N HIS B 192 8.57 -2.44 44.65
CA HIS B 192 9.61 -1.66 44.00
C HIS B 192 9.69 -0.22 44.50
N ARG B 193 10.88 0.36 44.38
CA ARG B 193 11.13 1.75 44.75
C ARG B 193 10.31 2.72 43.91
N SER B 194 10.28 2.49 42.60
CA SER B 194 9.63 3.41 41.67
C SER B 194 9.28 2.72 40.36
N TYR B 195 8.40 3.37 39.58
CA TYR B 195 8.12 2.95 38.21
C TYR B 195 8.26 4.14 37.28
N SER B 196 8.63 3.88 36.04
CA SER B 196 8.83 4.97 35.08
C SER B 196 8.19 4.70 33.72
N CYS B 197 7.71 5.77 33.10
CA CYS B 197 7.18 5.72 31.75
C CYS B 197 8.06 6.57 30.84
N GLN B 198 8.65 5.94 29.82
CA GLN B 198 9.47 6.67 28.87
C GLN B 198 8.83 6.73 27.49
N VAL B 199 8.60 7.95 27.03
CA VAL B 199 8.02 8.19 25.71
C VAL B 199 9.07 8.79 24.80
N THR B 200 9.38 8.09 23.71
CA THR B 200 10.36 8.57 22.75
C THR B 200 9.67 9.08 21.51
N HIS B 201 10.00 10.32 21.13
CA HIS B 201 9.39 10.97 19.98
C HIS B 201 10.46 11.74 19.22
N GLU B 202 10.71 11.32 17.99
CA GLU B 202 11.65 12.00 17.10
C GLU B 202 13.02 12.14 17.74
N GLY B 203 13.50 11.07 18.37
CA GLY B 203 14.83 11.04 18.94
C GLY B 203 14.98 11.74 20.28
N SER B 204 13.88 12.28 20.79
CA SER B 204 13.89 12.90 22.11
C SER B 204 12.92 12.17 23.02
N THR B 205 13.27 12.04 24.29
CA THR B 205 12.45 11.25 25.20
C THR B 205 11.95 12.06 26.39
N VAL B 206 10.79 11.66 26.90
CA VAL B 206 10.27 12.21 28.15
C VAL B 206 10.02 11.06 29.10
N GLU B 207 10.57 11.17 30.30
CA GLU B 207 10.37 10.14 31.31
C GLU B 207 9.70 10.69 32.55
N LYS B 208 8.63 10.02 32.97
CA LYS B 208 7.93 10.37 34.19
C LYS B 208 8.03 9.21 35.16
N THR B 209 8.12 9.52 36.44
CA THR B 209 8.28 8.49 37.44
C THR B 209 7.25 8.64 38.53
N VAL B 210 6.71 7.52 38.99
CA VAL B 210 5.85 7.51 40.16
C VAL B 210 6.33 6.46 41.16
N ALA B 211 6.10 6.73 42.44
CA ALA B 211 6.53 5.83 43.50
C ALA B 211 5.38 5.55 44.45
N PRO B 212 5.31 4.32 44.97
CA PRO B 212 4.26 3.90 45.92
C PRO B 212 4.20 4.80 47.14
N THR B 213 5.31 5.45 47.46
CA THR B 213 5.41 6.31 48.63
C THR B 213 4.66 7.63 48.49
N GLU B 214 4.32 8.01 47.25
CA GLU B 214 3.68 9.29 47.00
C GLU B 214 2.35 9.41 47.75
N VAL C 2 33.99 3.21 -13.71
CA VAL C 2 33.18 3.73 -14.81
C VAL C 2 32.13 2.72 -15.26
N GLN C 3 32.54 1.46 -15.40
CA GLN C 3 31.64 0.39 -15.80
C GLN C 3 31.87 -0.89 -15.02
N LEU C 4 30.79 -1.62 -14.75
CA LEU C 4 30.85 -2.85 -13.97
C LEU C 4 30.25 -4.03 -14.73
N GLN C 5 30.73 -5.24 -14.46
CA GLN C 5 30.16 -6.43 -15.07
C GLN C 5 30.11 -7.60 -14.07
N GLU C 6 29.02 -8.34 -14.10
CA GLU C 6 28.83 -9.50 -13.23
C GLU C 6 28.80 -10.82 -13.99
N SER C 7 29.46 -11.83 -13.43
CA SER C 7 29.50 -13.15 -14.06
C SER C 7 29.29 -14.27 -13.05
N GLY C 8 28.87 -15.42 -13.54
CA GLY C 8 28.59 -16.57 -12.69
C GLY C 8 27.34 -17.34 -13.10
N PRO C 9 27.09 -18.49 -12.45
CA PRO C 9 25.97 -19.37 -12.74
C PRO C 9 24.61 -18.71 -12.54
N GLY C 10 23.68 -18.96 -13.47
CA GLY C 10 22.34 -18.42 -13.39
C GLY C 10 21.35 -19.32 -12.66
N LEU C 11 21.74 -20.58 -12.46
CA LEU C 11 20.91 -21.53 -11.73
C LEU C 11 21.70 -22.17 -10.59
N VAL C 12 21.11 -22.21 -9.40
CA VAL C 12 21.71 -22.93 -8.28
C VAL C 12 20.72 -23.85 -7.59
N LYS C 13 21.18 -25.06 -7.26
CA LYS C 13 20.40 -26.02 -6.49
C LYS C 13 20.30 -25.58 -5.03
N PRO C 14 19.21 -25.96 -4.35
CA PRO C 14 19.05 -25.63 -2.93
C PRO C 14 20.10 -26.30 -2.04
N ALA C 15 20.58 -25.56 -1.02
CA ALA C 15 21.58 -26.02 -0.05
C ALA C 15 22.99 -25.98 -0.62
N GLU C 16 23.13 -25.40 -1.81
CA GLU C 16 24.44 -25.28 -2.45
C GLU C 16 24.94 -23.84 -2.40
N THR C 17 26.24 -23.66 -2.65
CA THR C 17 26.88 -22.37 -2.47
C THR C 17 26.94 -21.58 -3.78
N LEU C 18 26.54 -20.31 -3.70
CA LEU C 18 26.50 -19.43 -4.86
C LEU C 18 27.78 -18.60 -4.99
N SER C 19 28.43 -18.72 -6.14
CA SER C 19 29.64 -17.93 -6.39
C SER C 19 29.48 -17.00 -7.59
N LEU C 20 29.84 -15.74 -7.39
CA LEU C 20 29.78 -14.73 -8.43
C LEU C 20 31.06 -13.91 -8.50
N THR C 21 31.37 -13.39 -9.69
CA THR C 21 32.57 -12.60 -9.90
C THR C 21 32.21 -11.28 -10.56
N CYS C 22 32.92 -10.21 -10.18
CA CYS C 22 32.69 -8.90 -10.75
C CYS C 22 33.96 -8.32 -11.35
N SER C 23 33.89 -7.94 -12.62
CA SER C 23 35.01 -7.30 -13.29
C SER C 23 34.75 -5.80 -13.48
N VAL C 24 35.70 -4.99 -13.05
CA VAL C 24 35.58 -3.54 -13.11
C VAL C 24 36.39 -2.95 -14.27
N SER C 25 35.80 -1.99 -14.97
CA SER C 25 36.51 -1.31 -16.05
C SER C 25 36.42 0.20 -15.87
N GLY C 26 37.50 0.90 -16.24
CA GLY C 26 37.48 2.34 -16.33
C GLY C 26 37.98 2.99 -15.06
N GLU C 27 38.11 2.21 -13.99
CA GLU C 27 38.78 2.66 -12.78
C GLU C 27 39.68 1.59 -12.19
N SER C 28 40.66 2.02 -11.40
CA SER C 28 41.78 1.18 -10.99
C SER C 28 41.46 0.00 -10.05
N ILE C 29 40.52 0.22 -9.12
CA ILE C 29 40.09 -0.61 -7.96
C ILE C 29 41.04 -0.23 -6.83
N ASN C 30 41.92 0.72 -7.13
CA ASN C 30 42.79 1.31 -6.13
C ASN C 30 42.65 2.81 -6.26
N THR C 31 42.13 3.46 -5.23
CA THR C 31 41.95 4.91 -5.21
C THR C 31 41.53 5.35 -3.82
N GLY C 32 41.78 6.62 -3.49
CA GLY C 32 41.37 7.19 -2.23
C GLY C 32 40.21 8.14 -2.40
N HIS C 33 39.02 7.74 -1.95
CA HIS C 33 38.79 6.40 -1.43
C HIS C 33 37.43 5.88 -1.89
N TYR C 34 37.32 4.57 -2.01
CA TYR C 34 36.09 3.90 -2.45
C TYR C 34 35.94 2.56 -1.74
N TYR C 35 34.72 2.01 -1.79
CA TYR C 35 34.50 0.61 -1.44
C TYR C 35 33.83 -0.09 -2.61
N TRP C 36 33.99 -1.41 -2.70
CA TRP C 36 33.38 -2.15 -3.80
C TRP C 36 32.50 -3.31 -3.33
N GLY C 37 31.25 -3.35 -3.80
CA GLY C 37 30.23 -4.20 -3.21
C GLY C 37 29.11 -4.79 -4.03
N TRP C 38 28.38 -5.72 -3.41
CA TRP C 38 27.23 -6.36 -4.03
C TRP C 38 25.91 -5.92 -3.41
N VAL C 39 25.03 -5.32 -4.20
CA VAL C 39 23.62 -5.15 -3.86
C VAL C 39 22.73 -6.12 -4.66
N ARG C 40 21.63 -6.57 -4.08
CA ARG C 40 20.72 -7.47 -4.80
C ARG C 40 19.27 -6.99 -4.75
N GLN C 41 18.45 -7.51 -5.67
CA GLN C 41 17.02 -7.18 -5.74
C GLN C 41 16.20 -8.46 -5.87
N VAL C 42 15.00 -8.47 -5.29
CA VAL C 42 14.24 -9.71 -5.11
C VAL C 42 12.78 -9.47 -5.50
N PRO C 43 12.05 -10.54 -5.90
CA PRO C 43 10.60 -10.36 -6.10
C PRO C 43 9.87 -10.19 -4.78
N GLY C 44 8.93 -9.25 -4.70
CA GLY C 44 8.12 -9.08 -3.51
C GLY C 44 8.87 -8.30 -2.45
N LYS C 45 10.11 -7.96 -2.77
CA LYS C 45 11.00 -7.20 -1.88
C LYS C 45 11.77 -6.19 -2.71
N GLY C 46 12.18 -5.08 -2.08
CA GLY C 46 12.99 -4.13 -2.81
C GLY C 46 14.43 -4.61 -2.89
N LEU C 47 15.37 -3.71 -2.61
CA LEU C 47 16.79 -4.04 -2.63
C LEU C 47 17.28 -4.51 -1.27
N GLU C 48 18.24 -5.44 -1.27
CA GLU C 48 18.86 -5.86 -0.02
C GLU C 48 20.37 -5.76 -0.19
N TRP C 49 20.99 -4.96 0.69
CA TRP C 49 22.42 -4.71 0.69
C TRP C 49 23.27 -5.87 1.20
N ILE C 50 23.53 -6.86 0.34
CA ILE C 50 24.48 -7.94 0.65
C ILE C 50 25.74 -7.42 1.35
N GLY C 51 26.23 -6.27 0.89
CA GLY C 51 27.40 -5.64 1.48
C GLY C 51 28.60 -5.40 0.58
N HIS C 52 29.52 -4.58 1.06
CA HIS C 52 30.67 -4.17 0.26
C HIS C 52 31.96 -4.31 1.04
N ILE C 53 33.06 -4.56 0.33
CA ILE C 53 34.33 -4.72 1.02
C ILE C 53 35.40 -4.01 0.19
N HIS C 54 36.47 -3.53 0.81
CA HIS C 54 37.51 -2.84 0.06
C HIS C 54 38.88 -3.11 0.67
N TYR C 55 39.94 -2.86 -0.10
CA TYR C 55 41.29 -3.07 0.40
C TYR C 55 41.56 -2.07 1.53
N THR C 56 42.37 -2.47 2.51
CA THR C 56 42.92 -3.82 2.54
C THR C 56 42.16 -4.74 3.50
N THR C 57 41.48 -5.72 2.91
CA THR C 57 40.83 -6.81 3.64
C THR C 57 39.64 -6.26 4.47
N ALA C 58 39.36 -4.98 4.31
CA ALA C 58 38.28 -4.34 5.05
C ALA C 58 36.94 -4.92 4.59
N VAL C 59 36.03 -5.13 5.54
CA VAL C 59 34.73 -5.73 5.24
C VAL C 59 33.55 -5.15 6.01
N LEU C 60 32.39 -5.14 5.37
CA LEU C 60 31.12 -4.77 6.00
C LEU C 60 30.01 -5.77 5.65
N HIS C 61 30.04 -6.98 6.19
CA HIS C 61 28.98 -7.94 5.87
C HIS C 61 27.65 -7.45 6.43
N ASN C 62 26.58 -7.63 5.66
CA ASN C 62 25.24 -7.32 6.15
C ASN C 62 24.85 -8.35 7.22
N PRO C 63 24.19 -7.90 8.30
CA PRO C 63 23.73 -8.81 9.35
C PRO C 63 22.69 -9.79 8.85
N SER C 64 22.60 -10.95 9.52
CA SER C 64 21.78 -12.11 9.11
C SER C 64 22.46 -12.83 7.95
N LEU C 65 22.71 -12.08 6.88
CA LEU C 65 23.48 -12.58 5.75
C LEU C 65 24.92 -12.93 6.12
N LYS C 66 25.50 -12.14 7.04
CA LYS C 66 26.93 -12.19 7.37
C LYS C 66 27.47 -13.59 7.67
N SER C 67 26.68 -14.41 8.35
CA SER C 67 27.09 -15.76 8.69
C SER C 67 27.34 -16.62 7.44
N ARG C 68 26.41 -16.55 6.50
CA ARG C 68 26.50 -17.27 5.24
C ARG C 68 27.61 -16.83 4.26
N LEU C 69 27.87 -15.53 4.16
CA LEU C 69 28.60 -14.99 3.00
C LEU C 69 30.07 -14.60 3.24
N THR C 70 30.93 -15.05 2.33
CA THR C 70 32.32 -14.59 2.27
C THR C 70 32.58 -13.74 1.02
N ILE C 71 33.12 -12.54 1.21
CA ILE C 71 33.41 -11.65 0.08
C ILE C 71 34.87 -11.21 -0.01
N LYS C 72 35.51 -11.42 -1.16
CA LYS C 72 36.94 -11.13 -1.31
C LYS C 72 37.24 -10.36 -2.61
N ILE C 73 38.29 -9.53 -2.59
CA ILE C 73 38.74 -8.79 -3.78
C ILE C 73 40.20 -9.10 -4.13
N TYR C 74 40.39 -9.40 -5.40
CA TYR C 74 41.70 -9.61 -5.99
C TYR C 74 42.01 -8.37 -6.81
N THR C 75 42.73 -7.44 -6.18
CA THR C 75 42.88 -6.07 -6.66
C THR C 75 43.64 -6.00 -7.98
N LEU C 76 44.64 -6.84 -8.11
CA LEU C 76 45.48 -6.86 -9.31
C LEU C 76 44.68 -7.27 -10.56
N ARG C 77 43.86 -8.32 -10.45
CA ARG C 77 43.03 -8.74 -11.59
C ARG C 77 42.02 -7.67 -11.97
N ASN C 78 41.61 -6.89 -10.97
CA ASN C 78 40.41 -6.03 -10.96
C ASN C 78 39.12 -6.77 -10.62
N GLN C 79 39.22 -7.93 -9.98
CA GLN C 79 38.05 -8.79 -9.81
C GLN C 79 37.66 -8.92 -8.34
N ILE C 80 36.34 -9.00 -8.12
CA ILE C 80 35.79 -9.25 -6.80
C ILE C 80 34.97 -10.53 -6.82
N THR C 81 34.96 -11.27 -5.71
CA THR C 81 34.18 -12.49 -5.64
C THR C 81 33.19 -12.45 -4.49
N LEU C 82 32.04 -13.07 -4.72
CA LEU C 82 31.02 -13.19 -3.69
C LEU C 82 30.67 -14.64 -3.54
N ARG C 83 30.55 -15.08 -2.30
CA ARG C 83 30.20 -16.45 -2.01
C ARG C 83 29.09 -16.39 -0.98
N LEU C 84 27.95 -16.99 -1.32
CA LEU C 84 26.82 -17.07 -0.41
C LEU C 84 26.38 -18.51 -0.21
N SER C 85 26.69 -19.05 0.96
CA SER C 85 26.44 -20.44 1.30
C SER C 85 24.99 -20.79 1.59
N ASN C 86 24.66 -22.07 1.48
CA ASN C 86 23.36 -22.57 1.93
C ASN C 86 22.21 -21.84 1.28
N VAL C 87 22.31 -21.59 -0.01
CA VAL C 87 21.31 -20.79 -0.70
C VAL C 87 19.96 -21.48 -0.63
N THR C 88 18.92 -20.69 -0.39
CA THR C 88 17.56 -21.20 -0.39
C THR C 88 16.76 -20.45 -1.42
N ALA C 89 15.62 -21.00 -1.77
CA ALA C 89 14.73 -20.33 -2.73
C ALA C 89 14.51 -18.85 -2.42
N ALA C 90 14.56 -18.50 -1.15
CA ALA C 90 14.42 -17.11 -0.72
C ALA C 90 15.57 -16.23 -1.22
N ASP C 91 16.61 -16.84 -1.78
CA ASP C 91 17.74 -16.11 -2.32
C ASP C 91 17.68 -15.89 -3.84
N THR C 92 16.65 -16.40 -4.49
CA THR C 92 16.45 -16.12 -5.91
C THR C 92 16.33 -14.61 -6.10
N ALA C 93 17.19 -14.04 -6.93
CA ALA C 93 17.31 -12.59 -7.03
C ALA C 93 18.21 -12.16 -8.18
N VAL C 94 18.02 -10.91 -8.62
CA VAL C 94 18.99 -10.25 -9.50
C VAL C 94 20.11 -9.65 -8.65
N TYR C 95 21.34 -10.06 -8.93
CA TYR C 95 22.50 -9.56 -8.20
C TYR C 95 23.29 -8.49 -8.96
N HIS C 96 23.51 -7.35 -8.31
CA HIS C 96 24.24 -6.23 -8.92
C HIS C 96 25.60 -5.98 -8.28
N CYS C 97 26.64 -5.96 -9.10
CA CYS C 97 27.91 -5.37 -8.71
C CYS C 97 27.77 -3.86 -8.52
N VAL C 98 28.50 -3.32 -7.56
CA VAL C 98 28.29 -1.95 -7.08
C VAL C 98 29.59 -1.35 -6.54
N ARG C 99 29.78 -0.04 -6.73
CA ARG C 99 30.88 0.69 -6.12
C ARG C 99 30.38 1.67 -5.07
N SER C 100 30.67 1.37 -3.81
CA SER C 100 30.22 2.19 -2.69
C SER C 100 31.12 3.40 -2.46
N GLY C 101 30.54 4.48 -1.97
CA GLY C 101 31.28 5.70 -1.70
C GLY C 101 30.64 6.55 -0.63
N LYS C 112 31.89 6.87 6.70
CA LYS C 112 32.22 5.76 5.81
C LYS C 112 31.19 5.71 4.66
N PRO C 113 31.36 4.80 3.68
CA PRO C 113 30.48 4.90 2.51
C PRO C 113 29.00 4.58 2.72
N HIS C 114 28.15 5.37 2.06
CA HIS C 114 26.71 5.30 2.25
C HIS C 114 25.88 5.34 0.94
N TRP C 115 26.52 5.64 -0.19
CA TRP C 115 25.79 5.70 -1.45
C TRP C 115 26.37 4.77 -2.52
N PHE C 116 25.55 4.42 -3.51
CA PHE C 116 25.98 3.51 -4.56
C PHE C 116 25.75 4.10 -5.96
N SER C 117 26.59 5.01 -6.41
CA SER C 117 26.32 5.68 -7.70
C SER C 117 26.47 4.74 -8.93
N PRO C 118 27.53 3.90 -9.00
CA PRO C 118 27.58 3.12 -10.25
C PRO C 118 27.10 1.69 -10.04
N TRP C 119 26.18 1.21 -10.89
CA TRP C 119 25.68 -0.15 -10.73
C TRP C 119 25.95 -1.01 -11.95
N GLY C 120 26.27 -2.27 -11.71
CA GLY C 120 26.41 -3.25 -12.77
C GLY C 120 25.02 -3.54 -13.33
N PRO C 121 24.96 -4.03 -14.57
CA PRO C 121 23.69 -4.37 -15.22
C PRO C 121 22.86 -5.39 -14.41
N GLY C 122 23.55 -6.28 -13.69
CA GLY C 122 22.89 -7.22 -12.83
C GLY C 122 22.77 -8.58 -13.50
N ILE C 123 22.86 -9.64 -12.69
CA ILE C 123 22.70 -11.00 -13.21
C ILE C 123 21.59 -11.76 -12.49
N HIS C 124 20.66 -12.32 -13.27
CA HIS C 124 19.60 -13.12 -12.67
C HIS C 124 20.22 -14.38 -12.09
N VAL C 125 19.84 -14.72 -10.86
CA VAL C 125 20.18 -16.01 -10.29
C VAL C 125 18.93 -16.69 -9.77
N THR C 126 18.69 -17.92 -10.21
CA THR C 126 17.48 -18.63 -9.85
C THR C 126 17.84 -19.83 -8.99
N VAL C 127 17.14 -19.98 -7.87
CA VAL C 127 17.40 -21.09 -6.97
C VAL C 127 16.25 -22.09 -7.04
N SER C 128 16.49 -23.22 -7.71
CA SER C 128 15.46 -24.23 -7.86
C SER C 128 16.04 -25.64 -7.97
N SER C 129 15.21 -26.61 -7.58
CA SER C 129 15.53 -28.02 -7.77
C SER C 129 15.58 -28.36 -9.26
N ALA C 130 14.66 -27.76 -10.02
CA ALA C 130 14.42 -28.14 -11.41
C ALA C 130 15.62 -27.92 -12.33
N SER C 131 15.75 -28.81 -13.30
CA SER C 131 16.83 -28.80 -14.28
C SER C 131 16.73 -27.69 -15.33
N THR C 132 17.88 -27.20 -15.77
CA THR C 132 17.96 -26.17 -16.80
C THR C 132 17.43 -26.70 -18.13
N LYS C 133 17.00 -25.80 -19.01
CA LYS C 133 16.43 -26.18 -20.29
C LYS C 133 16.59 -25.08 -21.33
N GLY C 134 17.20 -25.41 -22.46
CA GLY C 134 17.38 -24.44 -23.52
C GLY C 134 16.04 -24.21 -24.20
N PRO C 135 15.91 -23.06 -24.89
CA PRO C 135 14.65 -22.67 -25.55
C PRO C 135 14.41 -23.38 -26.87
N SER C 136 13.15 -23.52 -27.26
CA SER C 136 12.81 -23.91 -28.61
C SER C 136 12.39 -22.67 -29.40
N VAL C 137 13.10 -22.38 -30.48
CA VAL C 137 12.85 -21.17 -31.25
C VAL C 137 12.04 -21.46 -32.52
N PHE C 138 10.90 -20.77 -32.63
CA PHE C 138 9.99 -20.95 -33.75
C PHE C 138 9.77 -19.64 -34.48
N PRO C 139 9.69 -19.67 -35.82
CA PRO C 139 9.55 -18.43 -36.58
C PRO C 139 8.13 -17.86 -36.52
N LEU C 140 8.04 -16.54 -36.51
CA LEU C 140 6.77 -15.83 -36.67
C LEU C 140 6.70 -15.11 -38.01
N ALA C 141 6.05 -15.74 -38.98
CA ALA C 141 6.09 -15.25 -40.35
C ALA C 141 5.22 -14.00 -40.56
N PRO C 142 5.66 -13.09 -41.45
CA PRO C 142 5.16 -11.72 -41.54
C PRO C 142 3.65 -11.54 -41.75
N SER C 143 3.08 -10.56 -41.05
CA SER C 143 1.70 -10.15 -41.25
C SER C 143 1.66 -8.62 -41.26
N SER C 144 0.64 -8.05 -41.89
CA SER C 144 0.50 -6.59 -41.94
C SER C 144 -0.83 -6.20 -41.32
N LYS C 145 -0.78 -5.35 -40.29
CA LYS C 145 -1.96 -4.88 -39.57
C LYS C 145 -1.57 -3.80 -38.57
N SER C 148 0.23 -0.14 -39.99
CA SER C 148 1.63 0.26 -40.04
C SER C 148 2.13 0.37 -41.48
N GLY C 149 1.40 -0.21 -42.42
CA GLY C 149 1.86 -0.31 -43.80
C GLY C 149 2.08 1.01 -44.51
N GLY C 150 2.99 1.02 -45.50
CA GLY C 150 3.54 -0.18 -46.09
C GLY C 150 4.72 -0.63 -45.25
N THR C 151 4.58 -1.81 -44.64
CA THR C 151 5.54 -2.31 -43.67
C THR C 151 5.05 -3.71 -43.21
N ALA C 152 5.91 -4.47 -42.52
CA ALA C 152 5.53 -5.81 -42.07
C ALA C 152 6.21 -6.13 -40.74
N ALA C 153 5.46 -6.77 -39.84
CA ALA C 153 6.04 -7.32 -38.61
C ALA C 153 6.40 -8.79 -38.78
N LEU C 154 7.60 -9.16 -38.34
CA LEU C 154 8.04 -10.55 -38.35
C LEU C 154 8.85 -10.80 -37.07
N GLY C 155 8.89 -12.04 -36.61
CA GLY C 155 9.52 -12.31 -35.33
C GLY C 155 9.97 -13.73 -35.01
N CYS C 156 10.25 -13.95 -33.73
CA CYS C 156 10.67 -15.25 -33.23
C CYS C 156 9.96 -15.60 -31.91
N LEU C 157 9.45 -16.83 -31.83
CA LEU C 157 8.85 -17.31 -30.58
C LEU C 157 9.85 -18.16 -29.81
N VAL C 158 10.16 -17.73 -28.59
CA VAL C 158 11.16 -18.40 -27.78
C VAL C 158 10.45 -19.15 -26.64
N LYS C 159 10.29 -20.45 -26.82
CA LYS C 159 9.45 -21.23 -25.92
C LYS C 159 10.16 -22.18 -24.96
N ASP C 160 9.62 -22.24 -23.75
CA ASP C 160 9.98 -23.25 -22.76
C ASP C 160 11.44 -23.28 -22.35
N TYR C 161 11.98 -22.16 -21.87
CA TYR C 161 13.36 -22.17 -21.40
C TYR C 161 13.41 -22.01 -19.89
N PHE C 162 14.52 -22.46 -19.29
CA PHE C 162 14.77 -22.31 -17.87
C PHE C 162 16.26 -22.37 -17.55
N PRO C 163 16.72 -21.54 -16.60
CA PRO C 163 16.02 -20.39 -16.05
C PRO C 163 16.21 -19.15 -16.92
N GLU C 164 15.78 -17.98 -16.44
CA GLU C 164 16.02 -16.73 -17.14
C GLU C 164 17.50 -16.35 -17.09
N PRO C 165 17.98 -15.55 -18.04
CA PRO C 165 17.26 -14.94 -19.17
C PRO C 165 17.69 -15.49 -20.53
N VAL C 166 16.96 -15.14 -21.58
CA VAL C 166 17.47 -15.24 -22.94
C VAL C 166 17.70 -13.85 -23.49
N THR C 167 18.65 -13.71 -24.42
CA THR C 167 18.82 -12.45 -25.13
C THR C 167 18.59 -12.65 -26.62
N VAL C 168 18.07 -11.61 -27.27
CA VAL C 168 17.76 -11.68 -28.69
C VAL C 168 18.30 -10.48 -29.45
N SER C 169 18.97 -10.74 -30.57
CA SER C 169 19.34 -9.69 -31.50
C SER C 169 18.83 -10.05 -32.89
N TRP C 170 18.98 -9.13 -33.84
CA TRP C 170 18.57 -9.40 -35.20
C TRP C 170 19.71 -9.10 -36.17
N ASN C 171 19.96 -10.02 -37.10
CA ASN C 171 21.04 -9.88 -38.09
C ASN C 171 22.37 -9.55 -37.42
N SER C 172 22.67 -10.24 -36.33
CA SER C 172 23.93 -10.10 -35.59
C SER C 172 24.14 -8.67 -35.08
N GLY C 173 23.05 -7.98 -34.77
CA GLY C 173 23.12 -6.64 -34.22
C GLY C 173 22.98 -5.53 -35.24
N ALA C 174 22.93 -5.90 -36.52
CA ALA C 174 22.82 -4.94 -37.60
C ALA C 174 21.42 -4.33 -37.67
N LEU C 175 20.47 -4.94 -36.96
CA LEU C 175 19.12 -4.39 -36.87
C LEU C 175 18.80 -3.92 -35.46
N THR C 176 18.42 -2.65 -35.34
CA THR C 176 18.00 -2.08 -34.06
C THR C 176 16.70 -1.31 -34.25
N SER C 177 16.53 -0.74 -35.43
CA SER C 177 15.31 0.01 -35.76
C SER C 177 14.10 -0.91 -35.83
N GLY C 178 13.04 -0.55 -35.11
CA GLY C 178 11.79 -1.28 -35.19
C GLY C 178 11.77 -2.59 -34.41
N VAL C 179 12.79 -2.81 -33.59
CA VAL C 179 12.87 -4.02 -32.79
C VAL C 179 12.14 -3.86 -31.47
N HIS C 180 11.27 -4.81 -31.16
CA HIS C 180 10.69 -4.93 -29.83
C HIS C 180 10.79 -6.34 -29.29
N THR C 181 11.36 -6.49 -28.09
CA THR C 181 11.42 -7.79 -27.44
C THR C 181 10.59 -7.78 -26.16
N PHE C 182 9.49 -8.53 -26.17
CA PHE C 182 8.54 -8.53 -25.05
C PHE C 182 9.05 -9.30 -23.83
N PRO C 183 8.59 -8.91 -22.64
CA PRO C 183 8.90 -9.59 -21.37
C PRO C 183 8.35 -11.02 -21.34
N ALA C 184 9.10 -11.92 -20.70
CA ALA C 184 8.76 -13.34 -20.64
C ALA C 184 7.48 -13.64 -19.87
N VAL C 185 6.96 -14.85 -20.08
CA VAL C 185 5.79 -15.33 -19.38
C VAL C 185 6.12 -16.55 -18.55
N LEU C 186 5.85 -16.51 -17.25
CA LEU C 186 5.94 -17.73 -16.48
C LEU C 186 4.65 -18.51 -16.74
N GLN C 187 4.76 -19.82 -16.89
CA GLN C 187 3.61 -20.66 -17.18
C GLN C 187 3.45 -21.71 -16.09
N SER C 188 2.26 -22.28 -15.99
CA SER C 188 1.93 -23.18 -14.87
C SER C 188 2.98 -24.30 -14.78
N SER C 189 3.44 -24.75 -15.96
CA SER C 189 4.56 -25.70 -16.06
C SER C 189 5.80 -25.23 -15.29
N GLY C 190 5.98 -23.92 -15.22
CA GLY C 190 7.16 -23.33 -14.59
C GLY C 190 8.26 -22.99 -15.58
N LEU C 191 8.07 -23.39 -16.84
CA LEU C 191 8.93 -22.96 -17.93
C LEU C 191 8.59 -21.56 -18.40
N TYR C 192 9.60 -20.77 -18.77
CA TYR C 192 9.38 -19.42 -19.30
C TYR C 192 9.16 -19.44 -20.81
N SER C 193 8.45 -18.44 -21.32
CA SER C 193 8.42 -18.18 -22.76
C SER C 193 8.35 -16.68 -23.06
N LEU C 194 8.97 -16.28 -24.17
CA LEU C 194 8.83 -14.92 -24.67
C LEU C 194 8.88 -14.90 -26.19
N SER C 195 8.60 -13.73 -26.76
CA SER C 195 8.78 -13.55 -28.20
C SER C 195 9.40 -12.19 -28.50
N SER C 196 10.01 -12.08 -29.68
CA SER C 196 10.62 -10.84 -30.14
C SER C 196 10.17 -10.55 -31.55
N VAL C 197 9.93 -9.29 -31.86
CA VAL C 197 9.40 -8.91 -33.17
C VAL C 197 10.15 -7.72 -33.72
N VAL C 198 10.31 -7.68 -35.04
CA VAL C 198 10.97 -6.56 -35.70
C VAL C 198 10.09 -6.00 -36.82
N THR C 199 10.02 -4.68 -36.86
CA THR C 199 9.30 -3.96 -37.91
C THR C 199 10.23 -3.61 -39.07
N VAL C 200 9.85 -4.06 -40.27
CA VAL C 200 10.71 -3.92 -41.46
C VAL C 200 9.93 -3.37 -42.65
N PRO C 201 10.63 -2.88 -43.69
CA PRO C 201 9.88 -2.47 -44.88
C PRO C 201 9.28 -3.67 -45.58
N SER C 202 8.00 -3.57 -45.94
CA SER C 202 7.30 -4.67 -46.61
C SER C 202 7.89 -5.00 -47.97
N SER C 203 8.41 -3.98 -48.66
CA SER C 203 9.04 -4.16 -49.95
C SER C 203 10.33 -4.99 -49.86
N SER C 204 10.88 -5.07 -48.66
CA SER C 204 12.15 -5.75 -48.43
C SER C 204 12.02 -7.26 -48.22
N LEU C 205 10.79 -7.74 -48.04
CA LEU C 205 10.55 -9.12 -47.61
C LEU C 205 11.09 -10.17 -48.57
N GLY C 206 11.12 -9.85 -49.85
CA GLY C 206 11.58 -10.79 -50.86
C GLY C 206 13.07 -10.79 -51.12
N THR C 207 13.77 -9.77 -50.66
CA THR C 207 15.16 -9.59 -51.05
C THR C 207 16.13 -9.67 -49.87
N GLN C 208 15.66 -9.29 -48.68
CA GLN C 208 16.53 -9.25 -47.51
C GLN C 208 16.17 -10.37 -46.54
N THR C 209 17.18 -11.15 -46.14
CA THR C 209 16.97 -12.19 -45.14
C THR C 209 17.01 -11.63 -43.73
N TYR C 210 16.13 -12.13 -42.88
CA TYR C 210 16.11 -11.74 -41.48
C TYR C 210 16.34 -12.94 -40.56
N ILE C 211 17.31 -12.79 -39.67
CA ILE C 211 17.70 -13.86 -38.76
C ILE C 211 17.70 -13.35 -37.32
N CYS C 212 17.00 -14.05 -36.43
CA CYS C 212 17.04 -13.70 -35.02
C CYS C 212 18.10 -14.53 -34.31
N ASN C 213 18.92 -13.87 -33.49
CA ASN C 213 19.96 -14.55 -32.74
C ASN C 213 19.55 -14.67 -31.29
N VAL C 214 19.21 -15.89 -30.88
CA VAL C 214 18.75 -16.16 -29.53
C VAL C 214 19.86 -16.81 -28.72
N ASN C 215 20.18 -16.21 -27.59
CA ASN C 215 21.21 -16.76 -26.70
C ASN C 215 20.62 -17.17 -25.35
N HIS C 216 20.99 -18.37 -24.91
CA HIS C 216 20.58 -18.88 -23.60
C HIS C 216 21.79 -19.36 -22.82
N LYS C 217 22.45 -18.40 -22.19
CA LYS C 217 23.70 -18.60 -21.46
C LYS C 217 23.65 -19.71 -20.39
N PRO C 218 22.52 -19.84 -19.65
CA PRO C 218 22.50 -20.93 -18.67
C PRO C 218 22.65 -22.35 -19.26
N SER C 219 22.19 -22.56 -20.49
CA SER C 219 22.31 -23.88 -21.10
C SER C 219 23.31 -23.91 -22.25
N ASN C 220 24.05 -22.81 -22.42
CA ASN C 220 25.03 -22.67 -23.49
C ASN C 220 24.42 -22.92 -24.87
N THR C 221 23.22 -22.40 -25.09
CA THR C 221 22.54 -22.60 -26.36
C THR C 221 22.47 -21.31 -27.16
N LYS C 222 22.86 -21.38 -28.43
CA LYS C 222 22.66 -20.30 -29.36
C LYS C 222 21.84 -20.81 -30.53
N VAL C 223 20.79 -20.07 -30.88
CA VAL C 223 19.96 -20.45 -32.00
C VAL C 223 19.79 -19.26 -32.95
N ASP C 224 20.17 -19.45 -34.20
CA ASP C 224 19.99 -18.43 -35.21
C ASP C 224 18.90 -18.86 -36.19
N LYS C 225 17.73 -18.26 -36.06
CA LYS C 225 16.57 -18.68 -36.83
C LYS C 225 16.22 -17.69 -37.95
N ARG C 226 16.25 -18.17 -39.19
CA ARG C 226 15.84 -17.38 -40.34
C ARG C 226 14.31 -17.33 -40.42
N VAL C 227 13.77 -16.16 -40.72
CA VAL C 227 12.32 -16.00 -40.81
C VAL C 227 11.87 -15.72 -42.24
N GLU C 228 11.15 -16.68 -42.81
CA GLU C 228 10.69 -16.57 -44.20
C GLU C 228 9.18 -16.36 -44.28
N PRO C 229 8.74 -15.59 -45.28
CA PRO C 229 7.30 -15.41 -45.53
C PRO C 229 6.63 -16.71 -45.92
N LYS C 230 5.44 -16.98 -45.39
CA LYS C 230 4.68 -18.16 -45.79
C LYS C 230 4.23 -18.06 -47.25
N ALA D 3 12.68 -2.98 7.52
CA ALA D 3 13.66 -1.96 7.17
C ALA D 3 13.04 -0.57 7.19
N LEU D 4 13.50 0.31 6.31
CA LEU D 4 12.91 1.64 6.19
C LEU D 4 11.51 1.54 5.59
N THR D 5 10.65 2.50 5.91
CA THR D 5 9.27 2.48 5.43
C THR D 5 8.92 3.61 4.46
N GLN D 6 8.44 3.23 3.28
CA GLN D 6 7.93 4.19 2.31
C GLN D 6 6.59 3.68 1.79
N PRO D 7 5.72 4.58 1.31
CA PRO D 7 4.44 4.10 0.78
C PRO D 7 4.62 3.12 -0.37
N PRO D 8 3.62 2.26 -0.61
CA PRO D 8 3.73 1.29 -1.72
C PRO D 8 3.63 1.99 -3.07
N SER D 9 2.92 3.11 -3.12
CA SER D 9 2.72 3.83 -4.37
C SER D 9 2.49 5.31 -4.14
N ALA D 10 2.62 6.09 -5.24
CA ALA D 10 2.42 7.52 -5.21
C ALA D 10 2.01 7.98 -6.60
N SER D 11 1.37 9.14 -6.70
CA SER D 11 0.95 9.63 -8.01
C SER D 11 0.81 11.15 -8.09
N GLY D 12 0.99 11.69 -9.31
CA GLY D 12 0.77 13.10 -9.56
C GLY D 12 0.58 13.46 -11.03
N SER D 13 0.02 14.65 -11.28
CA SER D 13 -0.31 15.09 -12.63
C SER D 13 0.91 15.74 -13.28
N LEU D 14 0.73 16.33 -14.46
CA LEU D 14 1.88 16.77 -15.26
C LEU D 14 2.23 18.22 -14.98
N GLY D 15 3.52 18.44 -14.70
CA GLY D 15 4.04 19.73 -14.32
C GLY D 15 3.77 20.04 -12.86
N GLN D 16 3.15 19.09 -12.18
CA GLN D 16 2.89 19.23 -10.75
C GLN D 16 4.04 18.60 -9.97
N SER D 17 4.07 18.84 -8.66
CA SER D 17 5.07 18.23 -7.80
C SER D 17 4.50 17.01 -7.09
N VAL D 18 5.39 16.10 -6.70
CA VAL D 18 5.02 14.95 -5.87
C VAL D 18 6.09 14.72 -4.81
N THR D 19 5.66 14.32 -3.61
CA THR D 19 6.58 14.02 -2.52
C THR D 19 6.34 12.62 -1.97
N ILE D 20 7.42 11.85 -1.82
CA ILE D 20 7.35 10.52 -1.20
C ILE D 20 8.22 10.49 0.05
N SER D 21 7.85 9.68 1.03
CA SER D 21 8.50 9.75 2.32
C SER D 21 9.24 8.49 2.67
N CYS D 22 10.38 8.68 3.35
CA CYS D 22 11.13 7.57 3.92
C CYS D 22 11.01 7.74 5.42
N ASN D 23 10.56 6.68 6.08
CA ASN D 23 10.24 6.74 7.50
C ASN D 23 11.21 5.87 8.31
N GLY D 24 11.85 6.44 9.32
CA GLY D 24 12.95 5.79 10.02
C GLY D 24 13.03 5.86 11.54
N THR D 25 13.77 4.93 12.12
CA THR D 25 14.10 4.89 13.55
C THR D 25 15.25 5.84 13.93
N SER D 26 15.43 6.08 15.23
CA SER D 26 16.36 7.10 15.70
C SER D 26 17.78 6.80 15.23
N SER D 27 18.17 5.53 15.29
CA SER D 27 19.48 5.10 14.83
C SER D 27 19.70 5.18 13.32
N ASP D 28 18.63 5.12 12.52
CA ASP D 28 18.80 5.08 11.06
C ASP D 28 18.84 6.45 10.39
N ILE D 29 17.72 7.16 10.43
CA ILE D 29 17.63 8.43 9.73
C ILE D 29 17.76 9.60 10.70
N GLY D 30 17.18 9.47 11.88
CA GLY D 30 17.16 10.54 12.85
C GLY D 30 18.55 10.92 13.34
N GLY D 31 19.38 9.91 13.59
CA GLY D 31 20.71 10.13 14.12
C GLY D 31 21.66 10.87 13.17
N TRP D 32 21.78 10.38 11.94
CA TRP D 32 22.83 10.88 11.05
C TRP D 32 22.25 11.37 9.71
N ASN D 33 23.00 12.25 9.07
CA ASN D 33 22.61 12.86 7.79
C ASN D 33 22.51 11.91 6.59
N PHE D 34 23.44 10.97 6.47
CA PHE D 34 23.56 10.17 5.25
C PHE D 34 22.26 9.47 4.86
N VAL D 35 21.77 9.83 3.68
CA VAL D 35 20.52 9.31 3.10
C VAL D 35 20.65 9.37 1.58
N SER D 36 20.00 8.45 0.87
CA SER D 36 20.14 8.37 -0.57
C SER D 36 18.85 7.95 -1.26
N TRP D 37 18.62 8.48 -2.46
CA TRP D 37 17.45 8.12 -3.25
C TRP D 37 17.83 7.55 -4.62
N TYR D 38 17.20 6.45 -4.99
CA TYR D 38 17.48 5.75 -6.24
C TYR D 38 16.29 5.68 -7.20
N GLN D 39 16.57 5.82 -8.49
CA GLN D 39 15.54 5.66 -9.52
C GLN D 39 15.78 4.34 -10.25
N GLN D 40 14.72 3.56 -10.39
CA GLN D 40 14.82 2.31 -11.14
C GLN D 40 13.73 2.21 -12.19
N PHE D 41 14.13 2.31 -13.45
CA PHE D 41 13.25 2.05 -14.57
C PHE D 41 13.06 0.54 -14.65
N PRO D 42 11.87 0.09 -15.06
CA PRO D 42 11.65 -1.36 -15.11
C PRO D 42 12.55 -2.05 -16.13
N GLY D 43 13.13 -3.18 -15.76
CA GLY D 43 14.06 -3.90 -16.60
C GLY D 43 15.46 -3.29 -16.65
N ARG D 44 15.74 -2.35 -15.74
CA ARG D 44 17.05 -1.70 -15.71
C ARG D 44 17.60 -1.64 -14.28
N ALA D 45 18.91 -1.39 -14.18
CA ALA D 45 19.56 -1.21 -12.89
C ALA D 45 19.15 0.12 -12.28
N PRO D 46 19.13 0.20 -10.93
CA PRO D 46 18.83 1.47 -10.27
C PRO D 46 19.88 2.55 -10.55
N ARG D 47 19.44 3.80 -10.50
CA ARG D 47 20.33 4.94 -10.71
C ARG D 47 20.21 5.94 -9.56
N LEU D 48 21.34 6.31 -8.96
CA LEU D 48 21.36 7.24 -7.83
C LEU D 48 20.83 8.62 -8.22
N ILE D 49 19.94 9.16 -7.38
CA ILE D 49 19.34 10.46 -7.63
C ILE D 49 19.77 11.46 -6.60
N ILE D 50 19.95 10.99 -5.37
CA ILE D 50 20.27 11.85 -4.24
C ILE D 50 21.19 11.12 -3.27
N PHE D 51 22.11 11.85 -2.66
CA PHE D 51 22.92 11.35 -1.57
C PHE D 51 23.05 12.49 -0.56
N GLU D 52 23.30 12.15 0.71
CA GLU D 52 23.48 13.15 1.76
C GLU D 52 22.29 14.12 1.81
N VAL D 53 21.09 13.55 1.67
CA VAL D 53 19.79 14.23 1.79
C VAL D 53 19.40 15.15 0.64
N ASN D 54 20.18 16.18 0.36
CA ASN D 54 19.82 17.09 -0.72
C ASN D 54 20.84 17.19 -1.87
N LYS D 55 21.87 16.36 -1.84
CA LYS D 55 22.98 16.48 -2.78
C LYS D 55 22.74 15.58 -3.99
N ARG D 56 22.88 16.15 -5.19
CA ARG D 56 22.71 15.39 -6.42
C ARG D 56 23.99 14.83 -7.07
N PRO D 57 23.81 13.72 -7.76
CA PRO D 57 24.79 13.16 -8.70
C PRO D 57 24.73 13.95 -10.00
N SER D 58 25.75 13.81 -10.83
CA SER D 58 25.86 14.62 -12.04
C SER D 58 24.74 14.44 -13.06
N GLY D 59 24.28 13.21 -13.31
CA GLY D 59 23.22 13.07 -14.28
C GLY D 59 21.92 13.81 -13.97
N VAL D 60 21.55 13.80 -12.68
CA VAL D 60 20.23 14.23 -12.24
C VAL D 60 19.90 15.70 -12.51
N PRO D 61 18.66 15.96 -12.99
CA PRO D 61 18.13 17.32 -13.20
C PRO D 61 17.73 17.97 -11.88
N GLY D 62 17.68 19.31 -11.86
CA GLY D 62 17.33 20.02 -10.65
C GLY D 62 15.90 19.80 -10.17
N ARG D 63 15.12 19.07 -10.97
CA ARG D 63 13.73 18.77 -10.62
C ARG D 63 13.64 17.83 -9.42
N PHE D 64 14.71 17.10 -9.18
CA PHE D 64 14.74 16.15 -8.06
C PHE D 64 15.40 16.78 -6.83
N SER D 65 14.68 16.81 -5.73
CA SER D 65 15.20 17.38 -4.50
C SER D 65 14.92 16.46 -3.31
N GLY D 66 15.82 16.49 -2.33
CA GLY D 66 15.65 15.70 -1.13
C GLY D 66 15.60 16.59 0.10
N SER D 67 14.91 16.14 1.13
CA SER D 67 14.86 16.88 2.38
C SER D 67 14.77 15.94 3.57
N LYS D 68 15.02 16.47 4.76
CA LYS D 68 14.89 15.70 5.97
C LYS D 68 14.18 16.49 7.06
N SER D 69 13.37 15.79 7.85
CA SER D 69 12.76 16.37 9.03
C SER D 69 12.62 15.28 10.09
N GLY D 70 13.35 15.44 11.20
CA GLY D 70 13.38 14.44 12.24
C GLY D 70 13.76 13.06 11.72
N ASN D 71 12.92 12.08 12.01
CA ASN D 71 13.16 10.70 11.59
C ASN D 71 12.67 10.39 10.17
N SER D 72 12.04 11.37 9.52
CA SER D 72 11.47 11.14 8.19
C SER D 72 12.20 11.90 7.08
N ALA D 73 12.47 11.21 5.97
CA ALA D 73 13.14 11.80 4.83
C ALA D 73 12.19 11.91 3.65
N SER D 74 12.25 13.02 2.92
CA SER D 74 11.36 13.24 1.80
C SER D 74 12.07 13.50 0.48
N LEU D 75 11.60 12.85 -0.58
CA LEU D 75 12.05 13.12 -1.94
C LEU D 75 10.95 13.85 -2.69
N THR D 76 11.28 15.00 -3.29
CA THR D 76 10.33 15.75 -4.07
C THR D 76 10.71 15.83 -5.56
N VAL D 77 9.78 15.43 -6.42
CA VAL D 77 9.96 15.58 -7.86
C VAL D 77 9.07 16.70 -8.39
N SER D 78 9.69 17.73 -8.96
CA SER D 78 8.97 18.91 -9.40
C SER D 78 8.93 19.01 -10.93
N GLY D 79 7.74 19.26 -11.47
CA GLY D 79 7.59 19.33 -12.91
C GLY D 79 7.70 17.95 -13.52
N LEU D 80 6.73 17.11 -13.20
CA LEU D 80 6.72 15.71 -13.64
C LEU D 80 6.79 15.49 -15.14
N GLN D 81 7.56 14.48 -15.51
CA GLN D 81 7.71 14.04 -16.90
C GLN D 81 7.32 12.58 -17.00
N SER D 82 6.79 12.18 -18.16
CA SER D 82 6.41 10.80 -18.42
C SER D 82 7.54 9.82 -18.07
N ASP D 83 8.79 10.28 -18.23
CA ASP D 83 9.96 9.49 -17.91
C ASP D 83 10.03 9.14 -16.43
N ASP D 84 9.52 10.04 -15.59
CA ASP D 84 9.66 9.89 -14.14
C ASP D 84 8.90 8.70 -13.56
N GLU D 85 8.03 8.09 -14.35
CA GLU D 85 7.33 6.89 -13.87
C GLU D 85 8.35 5.79 -13.62
N GLY D 86 8.28 5.16 -12.45
CA GLY D 86 9.26 4.16 -12.06
C GLY D 86 9.20 3.83 -10.58
N GLN D 87 10.13 3.01 -10.12
CA GLN D 87 10.25 2.71 -8.69
C GLN D 87 11.39 3.48 -8.04
N TYR D 88 11.08 4.17 -6.95
CA TYR D 88 12.05 4.97 -6.22
C TYR D 88 12.35 4.37 -4.85
N PHE D 89 13.63 4.22 -4.52
CA PHE D 89 14.05 3.65 -3.24
C PHE D 89 14.83 4.63 -2.39
N CYS D 90 14.84 4.40 -1.08
CA CYS D 90 15.62 5.23 -0.17
C CYS D 90 16.59 4.38 0.66
N SER D 91 17.77 4.93 0.92
CA SER D 91 18.81 4.22 1.66
C SER D 91 19.40 5.09 2.77
N SER D 92 19.56 4.51 3.96
CA SER D 92 20.27 5.20 5.03
C SER D 92 21.19 4.27 5.83
N LEU D 93 22.21 4.85 6.44
CA LEU D 93 23.12 4.12 7.31
C LEU D 93 22.45 3.72 8.63
N PHE D 94 22.58 2.45 9.00
CA PHE D 94 22.09 1.97 10.27
C PHE D 94 22.84 2.69 11.38
N GLY D 95 24.13 2.92 11.14
CA GLY D 95 25.01 3.59 12.08
C GLY D 95 25.92 2.63 12.80
N ARG D 96 25.84 1.36 12.44
CA ARG D 96 26.80 0.37 12.92
C ARG D 96 27.37 -0.42 11.75
N TRP D 97 28.16 0.25 10.91
CA TRP D 97 28.78 -0.35 9.75
C TRP D 97 27.74 -1.07 8.89
N ASP D 98 26.63 -0.41 8.60
CA ASP D 98 25.50 -1.06 7.94
C ASP D 98 24.67 -0.13 7.04
N VAL D 99 24.09 -0.73 5.99
CA VAL D 99 23.27 0.00 5.02
C VAL D 99 21.85 -0.57 4.99
N VAL D 100 20.85 0.30 5.00
CA VAL D 100 19.45 -0.14 5.03
C VAL D 100 18.64 0.47 3.88
N PHE D 101 17.72 -0.32 3.32
CA PHE D 101 16.92 0.09 2.16
C PHE D 101 15.44 0.19 2.49
N GLY D 102 14.78 1.23 1.97
CA GLY D 102 13.34 1.31 2.04
C GLY D 102 12.67 0.28 1.15
N GLY D 103 11.36 0.13 1.29
CA GLY D 103 10.64 -0.91 0.58
C GLY D 103 10.31 -0.58 -0.86
N GLY D 104 10.56 0.66 -1.25
CA GLY D 104 10.31 1.09 -2.62
C GLY D 104 8.94 1.73 -2.81
N THR D 105 8.89 2.74 -3.68
CA THR D 105 7.65 3.40 -4.02
C THR D 105 7.44 3.42 -5.53
N LYS D 106 6.32 2.87 -5.97
CA LYS D 106 5.92 2.92 -7.38
C LYS D 106 5.29 4.28 -7.71
N LEU D 107 6.00 5.08 -8.51
CA LEU D 107 5.50 6.42 -8.84
C LEU D 107 4.87 6.45 -10.23
N THR D 108 3.57 6.73 -10.25
CA THR D 108 2.83 6.95 -11.48
C THR D 108 2.56 8.43 -11.73
N VAL D 109 2.73 8.88 -12.96
CA VAL D 109 2.20 10.19 -13.34
C VAL D 109 0.73 10.05 -13.78
N LEU D 110 -0.13 10.90 -13.21
CA LEU D 110 -1.59 10.71 -13.29
C LEU D 110 -2.38 11.61 -14.23
N GLY D 111 -1.74 12.28 -15.17
CA GLY D 111 -2.53 12.99 -16.16
C GLY D 111 -1.99 12.79 -17.55
N GLN D 112 -1.38 11.62 -17.76
CA GLN D 112 -0.80 11.37 -19.07
C GLN D 112 -1.92 11.12 -20.05
N PRO D 113 -1.63 11.29 -21.34
CA PRO D 113 -2.61 11.10 -22.42
C PRO D 113 -2.83 9.62 -22.75
N LYS D 114 -4.10 9.20 -22.85
CA LYS D 114 -4.48 7.82 -23.17
C LYS D 114 -4.07 7.37 -24.57
N ALA D 115 -3.60 6.13 -24.70
CA ALA D 115 -3.25 5.57 -26.02
C ALA D 115 -3.69 4.12 -26.19
N ALA D 116 -4.37 3.80 -27.31
CA ALA D 116 -4.89 2.44 -27.54
C ALA D 116 -3.78 1.48 -27.94
N PRO D 117 -3.96 0.18 -27.62
CA PRO D 117 -2.95 -0.83 -27.92
C PRO D 117 -2.89 -1.23 -29.39
N SER D 118 -1.69 -1.55 -29.86
CA SER D 118 -1.53 -2.23 -31.13
C SER D 118 -1.52 -3.72 -30.83
N VAL D 119 -2.16 -4.51 -31.68
CA VAL D 119 -2.27 -5.93 -31.42
C VAL D 119 -1.81 -6.71 -32.64
N THR D 120 -0.92 -7.67 -32.42
CA THR D 120 -0.48 -8.55 -33.50
C THR D 120 -0.72 -10.00 -33.10
N LEU D 121 -1.46 -10.73 -33.94
CA LEU D 121 -1.78 -12.11 -33.67
C LEU D 121 -1.07 -13.07 -34.63
N PHE D 122 -0.31 -14.00 -34.05
CA PHE D 122 0.36 -15.03 -34.83
C PHE D 122 -0.31 -16.38 -34.64
N PRO D 123 -0.58 -17.08 -35.75
CA PRO D 123 -1.01 -18.48 -35.69
C PRO D 123 0.18 -19.39 -35.41
N PRO D 124 -0.06 -20.66 -35.05
CA PRO D 124 1.06 -21.57 -34.87
C PRO D 124 1.90 -21.66 -36.13
N SER D 125 3.22 -21.59 -36.00
CA SER D 125 4.08 -21.69 -37.18
C SER D 125 3.92 -23.11 -37.68
N SER D 126 4.11 -23.31 -38.98
CA SER D 126 3.95 -24.64 -39.55
C SER D 126 4.94 -25.57 -38.87
N GLU D 127 6.15 -25.05 -38.69
CA GLU D 127 7.26 -25.79 -38.11
C GLU D 127 6.96 -26.26 -36.67
N GLU D 128 6.33 -25.39 -35.89
CA GLU D 128 5.96 -25.70 -34.51
C GLU D 128 4.89 -26.79 -34.41
N LEU D 129 3.91 -26.72 -35.31
CA LEU D 129 2.81 -27.68 -35.37
C LEU D 129 3.34 -29.09 -35.58
N GLN D 130 4.27 -29.20 -36.51
CA GLN D 130 4.95 -30.45 -36.85
C GLN D 130 5.77 -31.02 -35.70
N ALA D 131 6.09 -30.17 -34.73
CA ALA D 131 6.83 -30.63 -33.57
C ALA D 131 5.87 -31.10 -32.49
N ASN D 132 4.60 -31.23 -32.90
CA ASN D 132 3.51 -31.83 -32.13
C ASN D 132 2.83 -30.83 -31.16
N LYS D 133 3.20 -29.55 -31.24
CA LYS D 133 2.63 -28.56 -30.34
C LYS D 133 2.09 -27.34 -31.11
N ALA D 134 1.21 -26.59 -30.47
CA ALA D 134 0.61 -25.41 -31.10
C ALA D 134 0.49 -24.23 -30.13
N THR D 135 1.02 -23.09 -30.53
CA THR D 135 0.98 -21.88 -29.70
C THR D 135 0.50 -20.66 -30.47
N LEU D 136 -0.59 -20.06 -30.00
CA LEU D 136 -1.06 -18.79 -30.55
C LEU D 136 -0.42 -17.63 -29.78
N VAL D 137 0.08 -16.64 -30.51
CA VAL D 137 0.86 -15.57 -29.89
C VAL D 137 0.22 -14.20 -30.11
N CYS D 138 -0.26 -13.58 -29.04
CA CYS D 138 -0.91 -12.28 -29.10
C CYS D 138 -0.03 -11.20 -28.47
N LEU D 139 0.48 -10.30 -29.28
CA LEU D 139 1.40 -9.26 -28.79
C LEU D 139 0.75 -7.89 -28.75
N ILE D 140 0.84 -7.25 -27.58
CA ILE D 140 0.14 -6.01 -27.31
C ILE D 140 1.14 -4.91 -26.95
N SER D 141 1.10 -3.78 -27.64
CA SER D 141 2.11 -2.75 -27.43
C SER D 141 1.60 -1.31 -27.57
N ASP D 142 2.40 -0.38 -27.07
CA ASP D 142 2.20 1.06 -27.28
C ASP D 142 0.87 1.55 -26.70
N PHE D 143 0.51 1.07 -25.52
CA PHE D 143 -0.74 1.48 -24.91
C PHE D 143 -0.55 2.11 -23.54
N TYR D 144 -1.33 3.16 -23.28
CA TYR D 144 -1.41 3.75 -21.96
C TYR D 144 -2.88 4.05 -21.66
N PRO D 145 -3.32 3.85 -20.41
CA PRO D 145 -2.65 3.28 -19.23
C PRO D 145 -2.22 1.83 -19.37
N GLY D 146 -1.30 1.40 -18.52
CA GLY D 146 -0.78 0.05 -18.56
C GLY D 146 -1.68 -0.96 -17.90
N ALA D 147 -2.86 -1.17 -18.47
CA ALA D 147 -3.79 -2.17 -17.97
C ALA D 147 -4.68 -2.68 -19.10
N VAL D 148 -4.64 -3.99 -19.33
CA VAL D 148 -5.51 -4.61 -20.33
C VAL D 148 -6.04 -5.96 -19.86
N THR D 149 -7.17 -6.37 -20.42
CA THR D 149 -7.73 -7.69 -20.18
C THR D 149 -7.74 -8.46 -21.50
N VAL D 150 -7.27 -9.70 -21.48
CA VAL D 150 -7.17 -10.49 -22.70
C VAL D 150 -8.08 -11.71 -22.65
N ALA D 151 -8.88 -11.87 -23.69
CA ALA D 151 -9.78 -13.02 -23.77
C ALA D 151 -9.60 -13.75 -25.09
N TRP D 152 -9.72 -15.07 -25.05
CA TRP D 152 -9.51 -15.90 -26.22
C TRP D 152 -10.81 -16.59 -26.63
N LYS D 153 -11.00 -16.74 -27.94
CA LYS D 153 -12.18 -17.44 -28.45
C LYS D 153 -11.81 -18.55 -29.43
N ALA D 154 -12.42 -19.71 -29.27
CA ALA D 154 -12.39 -20.72 -30.31
C ALA D 154 -13.73 -20.65 -31.01
N ASP D 155 -13.72 -20.30 -32.29
CA ASP D 155 -14.95 -20.01 -33.02
C ASP D 155 -15.65 -18.85 -32.30
N SER D 156 -16.91 -19.05 -31.92
CA SER D 156 -17.63 -18.02 -31.18
C SER D 156 -17.67 -18.30 -29.67
N SER D 157 -16.94 -19.33 -29.23
CA SER D 157 -17.01 -19.80 -27.85
C SER D 157 -15.75 -19.44 -27.06
N PRO D 158 -15.92 -18.96 -25.82
CA PRO D 158 -14.82 -18.49 -24.96
C PRO D 158 -13.87 -19.60 -24.52
N VAL D 159 -12.58 -19.27 -24.42
CA VAL D 159 -11.56 -20.23 -24.03
C VAL D 159 -10.75 -19.74 -22.83
N LYS D 160 -10.68 -20.57 -21.79
CA LYS D 160 -9.96 -20.18 -20.58
C LYS D 160 -8.74 -21.07 -20.31
N ALA D 161 -8.77 -22.29 -20.85
CA ALA D 161 -7.65 -23.23 -20.64
C ALA D 161 -6.48 -22.96 -21.57
N GLY D 162 -5.27 -23.13 -21.05
CA GLY D 162 -4.06 -23.00 -21.84
C GLY D 162 -3.68 -21.56 -22.14
N VAL D 163 -4.24 -20.63 -21.37
CA VAL D 163 -3.96 -19.22 -21.57
C VAL D 163 -2.99 -18.67 -20.51
N GLU D 164 -1.94 -18.00 -20.98
CA GLU D 164 -0.98 -17.36 -20.10
C GLU D 164 -0.79 -15.91 -20.52
N THR D 165 -0.85 -15.00 -19.55
CA THR D 165 -0.82 -13.57 -19.85
C THR D 165 0.10 -12.78 -18.93
N THR D 166 0.95 -11.93 -19.51
CA THR D 166 1.83 -11.07 -18.72
C THR D 166 1.10 -9.90 -18.09
N THR D 167 1.61 -9.45 -16.94
CA THR D 167 1.23 -8.16 -16.41
C THR D 167 1.95 -7.12 -17.27
N PRO D 168 1.28 -6.00 -17.57
CA PRO D 168 1.87 -4.97 -18.42
C PRO D 168 3.17 -4.40 -17.83
N SER D 169 4.12 -4.06 -18.68
CA SER D 169 5.36 -3.42 -18.25
C SER D 169 5.74 -2.27 -19.17
N LYS D 170 6.46 -1.29 -18.64
CA LYS D 170 6.82 -0.11 -19.42
C LYS D 170 7.75 -0.39 -20.60
N GLN D 171 7.46 0.27 -21.70
CA GLN D 171 8.28 0.22 -22.90
C GLN D 171 9.35 1.29 -22.79
N SER D 172 10.38 1.20 -23.62
CA SER D 172 11.40 2.24 -23.66
C SER D 172 10.83 3.61 -24.05
N ASN D 173 9.88 3.61 -24.98
CA ASN D 173 9.16 4.83 -25.36
C ASN D 173 8.11 5.34 -24.36
N ASN D 174 8.10 4.76 -23.15
CA ASN D 174 7.29 5.23 -22.01
C ASN D 174 5.83 4.76 -22.05
N LYS D 175 5.46 4.04 -23.10
CA LYS D 175 4.16 3.37 -23.12
C LYS D 175 4.32 1.93 -22.63
N TYR D 176 3.25 1.13 -22.70
CA TYR D 176 3.27 -0.19 -22.07
C TYR D 176 3.14 -1.34 -23.08
N ALA D 177 3.80 -2.46 -22.76
CA ALA D 177 3.67 -3.67 -23.55
C ALA D 177 3.18 -4.86 -22.72
N ALA D 178 2.53 -5.82 -23.37
CA ALA D 178 2.17 -7.08 -22.73
C ALA D 178 2.00 -8.18 -23.79
N SER D 179 2.04 -9.43 -23.36
CA SER D 179 1.84 -10.55 -24.28
C SER D 179 0.97 -11.64 -23.67
N SER D 180 0.24 -12.35 -24.53
CA SER D 180 -0.60 -13.47 -24.10
C SER D 180 -0.49 -14.66 -25.05
N TYR D 181 -0.37 -15.86 -24.48
CA TYR D 181 -0.15 -17.07 -25.26
C TYR D 181 -1.23 -18.11 -25.00
N LEU D 182 -1.74 -18.71 -26.07
CA LEU D 182 -2.68 -19.81 -25.97
C LEU D 182 -2.03 -21.10 -26.47
N SER D 183 -1.94 -22.10 -25.60
CA SER D 183 -1.34 -23.38 -25.96
C SER D 183 -2.40 -24.40 -26.32
N LEU D 184 -2.21 -25.04 -27.48
CA LEU D 184 -3.14 -26.03 -27.99
C LEU D 184 -2.40 -27.26 -28.47
N THR D 185 -3.12 -28.37 -28.60
CA THR D 185 -2.62 -29.50 -29.37
C THR D 185 -2.95 -29.23 -30.83
N PRO D 186 -2.17 -29.82 -31.76
CA PRO D 186 -2.45 -29.64 -33.19
C PRO D 186 -3.89 -30.01 -33.53
N GLU D 187 -4.42 -31.02 -32.86
CA GLU D 187 -5.80 -31.47 -33.06
C GLU D 187 -6.78 -30.34 -32.74
N GLN D 188 -6.55 -29.67 -31.62
CA GLN D 188 -7.42 -28.58 -31.17
C GLN D 188 -7.41 -27.42 -32.17
N TRP D 189 -6.22 -27.09 -32.66
CA TRP D 189 -6.05 -26.02 -33.64
C TRP D 189 -6.71 -26.36 -34.97
N LYS D 190 -6.48 -27.57 -35.46
CA LYS D 190 -7.09 -28.05 -36.71
C LYS D 190 -8.61 -28.18 -36.65
N SER D 191 -9.13 -28.57 -35.49
CA SER D 191 -10.55 -28.82 -35.28
C SER D 191 -11.48 -27.63 -35.52
N HIS D 192 -11.05 -26.43 -35.12
CA HIS D 192 -11.94 -25.27 -35.16
C HIS D 192 -11.74 -24.41 -36.40
N ARG D 193 -12.82 -23.74 -36.81
CA ARG D 193 -12.81 -22.87 -37.98
C ARG D 193 -11.87 -21.69 -37.78
N SER D 194 -11.87 -21.12 -36.59
CA SER D 194 -11.06 -19.95 -36.32
C SER D 194 -10.76 -19.77 -34.83
N TYR D 195 -9.77 -18.92 -34.55
CA TYR D 195 -9.45 -18.51 -33.18
C TYR D 195 -9.31 -17.00 -33.10
N SER D 196 -9.69 -16.42 -31.98
CA SER D 196 -9.63 -14.97 -31.82
C SER D 196 -8.94 -14.53 -30.54
N CYS D 197 -8.23 -13.42 -30.63
CA CYS D 197 -7.62 -12.78 -29.48
C CYS D 197 -8.25 -11.40 -29.30
N GLN D 198 -8.90 -11.19 -28.16
CA GLN D 198 -9.54 -9.91 -27.88
C GLN D 198 -8.82 -9.16 -26.76
N VAL D 199 -8.39 -7.95 -27.08
CA VAL D 199 -7.71 -7.10 -26.12
C VAL D 199 -8.61 -5.94 -25.73
N THR D 200 -8.95 -5.87 -24.45
CA THR D 200 -9.79 -4.80 -23.94
C THR D 200 -8.97 -3.79 -23.16
N HIS D 201 -9.06 -2.53 -23.55
CA HIS D 201 -8.28 -1.47 -22.94
C HIS D 201 -9.16 -0.24 -22.78
N GLU D 202 -9.41 0.14 -21.54
CA GLU D 202 -10.17 1.33 -21.22
C GLU D 202 -11.54 1.30 -21.88
N GLY D 203 -12.19 0.14 -21.82
CA GLY D 203 -13.54 -0.02 -22.33
C GLY D 203 -13.66 -0.18 -23.84
N SER D 204 -12.54 -0.20 -24.53
CA SER D 204 -12.55 -0.45 -25.98
C SER D 204 -11.77 -1.72 -26.29
N THR D 205 -12.23 -2.46 -27.28
CA THR D 205 -11.63 -3.75 -27.59
C THR D 205 -11.08 -3.84 -29.01
N VAL D 206 -10.06 -4.67 -29.18
CA VAL D 206 -9.51 -5.00 -30.48
C VAL D 206 -9.50 -6.52 -30.65
N GLU D 207 -10.07 -7.02 -31.74
CA GLU D 207 -10.20 -8.45 -31.92
C GLU D 207 -9.54 -8.89 -33.21
N LYS D 208 -8.58 -9.81 -33.09
CA LYS D 208 -7.87 -10.32 -34.24
C LYS D 208 -8.19 -11.80 -34.40
N THR D 209 -8.29 -12.27 -35.64
CA THR D 209 -8.66 -13.66 -35.87
C THR D 209 -7.66 -14.34 -36.81
N VAL D 210 -7.36 -15.60 -36.51
CA VAL D 210 -6.58 -16.44 -37.42
C VAL D 210 -7.28 -17.77 -37.63
N ALA D 211 -7.07 -18.36 -38.79
CA ALA D 211 -7.70 -19.63 -39.13
C ALA D 211 -6.66 -20.62 -39.67
N PRO D 212 -6.88 -21.93 -39.44
CA PRO D 212 -5.87 -22.95 -39.75
C PRO D 212 -5.53 -22.96 -41.25
N THR D 213 -6.39 -22.34 -42.05
CA THR D 213 -6.26 -22.39 -43.49
C THR D 213 -5.81 -21.00 -43.94
N GLU D 214 -4.48 -20.84 -44.02
CA GLU D 214 -3.75 -19.60 -44.35
C GLU D 214 -2.27 -19.89 -44.19
C1 NAG E . -24.37 -19.19 7.81
C2 NAG E . -24.23 -20.12 6.62
C3 NAG E . -23.24 -21.24 6.92
C4 NAG E . -21.95 -20.68 7.49
C5 NAG E . -22.22 -19.71 8.62
C6 NAG E . -20.93 -19.09 9.14
C7 NAG E . -25.93 -20.80 5.02
C8 NAG E . -27.27 -21.43 4.81
N2 NAG E . -25.52 -20.69 6.28
O3 NAG E . -22.96 -21.97 5.72
O4 NAG E . -21.13 -21.75 7.97
O5 NAG E . -23.09 -18.67 8.16
O6 NAG E . -19.98 -20.12 9.44
O7 NAG E . -25.24 -20.42 4.08
C1 NAG F . -5.01 3.62 -11.64
C2 NAG F . -3.61 3.61 -11.03
C3 NAG F . -2.81 4.80 -11.57
C4 NAG F . -2.91 4.81 -13.11
C5 NAG F . -4.38 4.87 -13.53
C6 NAG F . -4.53 5.03 -15.04
C7 NAG F . -3.91 2.39 -8.93
C8 NAG F . -3.92 2.40 -7.44
N2 NAG F . -3.70 3.55 -9.57
O3 NAG F . -1.47 4.68 -11.13
O4 NAG F . -2.23 5.87 -13.73
O5 NAG F . -5.01 3.71 -13.06
O6 NAG F . -4.17 6.36 -15.35
O7 NAG F . -4.09 1.33 -9.54
C1 NAG G . 21.56 -24.50 6.23
C2 NAG G . 21.76 -24.42 7.75
C3 NAG G . 20.57 -25.03 8.48
C4 NAG G . 19.25 -24.50 7.94
C5 NAG G . 19.21 -24.57 6.42
C6 NAG G . 17.92 -23.96 5.87
C7 NAG G . 24.17 -24.54 7.91
C8 NAG G . 25.20 -25.45 7.30
N2 NAG G . 22.98 -25.08 8.12
O3 NAG G . 20.67 -24.73 9.88
O4 NAG G . 18.16 -25.25 8.49
O5 NAG G . 20.33 -23.87 5.88
O6 NAG G . 17.69 -22.70 6.51
O7 NAG G . 24.41 -23.38 8.17
C1 NAG H . 5.75 8.19 7.15
C2 NAG H . 4.36 7.66 6.78
C3 NAG H . 3.44 8.81 6.35
C4 NAG H . 3.48 9.95 7.36
C5 NAG H . 4.92 10.34 7.69
C6 NAG H . 4.96 11.43 8.75
C7 NAG H . 3.40 6.26 5.04
C8 NAG H . 3.02 4.83 5.26
N2 NAG H . 4.47 6.69 5.71
O3 NAG H . 2.11 8.33 6.24
O4 NAG H . 2.80 11.09 6.82
O5 NAG H . 5.62 9.18 8.16
O6 NAG H . 5.84 12.47 8.33
O7 NAG H . 2.76 7.00 4.30
#